data_8Z5F
#
_entry.id   8Z5F
#
_cell.length_a   57.312
_cell.length_b   153.586
_cell.length_c   72.442
_cell.angle_alpha   90.00
_cell.angle_beta   113.28
_cell.angle_gamma   90.00
#
_symmetry.space_group_name_H-M   'P 1 21 1'
#
loop_
_entity.id
_entity.type
_entity.pdbx_description
1 polymer '3-oxoacyl-[acyl-carrier-protein] synthase 2'
2 polymer 'Acyl carrier protein'
3 non-polymer 'DECANOIC ACID'
4 non-polymer N~3~-[(2S)-2-hydroxy-3,3-dimethyl-4-(phosphonooxy)butanoyl]-N-(2-sulfanylethyl)-beta-alaninamide
5 water water
#
loop_
_entity_poly.entity_id
_entity_poly.type
_entity_poly.pdbx_seq_one_letter_code
_entity_poly.pdbx_strand_id
1 'polypeptide(L)'
;MRRIVVTGMGMINSLGLNKEDSFLAIAKGECGIKHIESFDASAFPVRIAGEITDFDPTEVMNPKDVKKAGRFIQLALKAT
REAMKDSGILDAHNRCPEELANRMGVSSGSGIGGLGNIEANSIFCFEKGPRKVNPFFITSALVNMIGGFTSIEFGIKGPN
LSSVTACAAGTHAIIEAVKTILLNGADRMLVVGAESTICPVGIGGFASIKALSTRNDEPKKASRPFDKDRNGFVMGEGAG
ALVLEEYESAKKRGAKIYAEFAGYGESGDANHITAPAPEGEGAFRAMKMALEMAKVEVGYVNAHGTSTHYNDLYESIALK
NVFGSKEKVPPVSSTAGQIGHCLGAAGALEAVISIMAMNQGILPPTINQETPDPECDLDYIPNAAREKQVDAVMSNSFGF
GGTNGVVIFKKA
;
A,B
2 'polypeptide(L)'
;GTSSMGYLMALFEDIQAVIAEQLNVDAAQVTPEAEFVKDLGADSLDVVELIMALEEKFGIEIPDEQAEKIVNVGDVVKYI
EDNKLA
;
C,D
#
# COMPACT_ATOMS: atom_id res chain seq x y z
N MET A 1 29.59 4.39 -2.84
CA MET A 1 29.75 3.77 -1.52
C MET A 1 29.77 2.26 -1.70
N ARG A 2 28.77 1.53 -1.21
CA ARG A 2 28.75 0.09 -1.51
C ARG A 2 28.20 -0.05 -2.93
N ARG A 3 28.81 -0.92 -3.74
CA ARG A 3 28.36 -1.11 -5.13
C ARG A 3 27.28 -2.19 -5.14
N ILE A 4 26.27 -2.08 -5.98
CA ILE A 4 25.13 -3.04 -6.03
C ILE A 4 24.94 -3.49 -7.48
N VAL A 5 24.79 -4.77 -7.68
CA VAL A 5 24.63 -5.37 -9.00
C VAL A 5 23.34 -6.18 -9.05
N VAL A 6 22.88 -6.40 -10.27
CA VAL A 6 21.72 -7.26 -10.53
C VAL A 6 22.23 -8.65 -10.89
N THR A 7 21.83 -9.65 -10.12
CA THR A 7 22.34 -11.00 -10.32
C THR A 7 21.28 -12.04 -10.70
N GLY A 8 20.02 -11.63 -10.88
CA GLY A 8 18.95 -12.53 -11.27
C GLY A 8 17.73 -11.72 -11.63
N MET A 9 16.90 -12.21 -12.55
CA MET A 9 15.76 -11.44 -13.03
C MET A 9 14.65 -12.41 -13.42
N GLY A 10 13.41 -11.93 -13.34
CA GLY A 10 12.25 -12.71 -13.76
C GLY A 10 11.10 -11.78 -14.07
N MET A 11 10.22 -12.22 -14.98
CA MET A 11 9.04 -11.39 -15.22
C MET A 11 7.96 -12.21 -15.90
N ILE A 12 6.72 -11.80 -15.64
CA ILE A 12 5.54 -12.40 -16.26
C ILE A 12 4.59 -11.28 -16.64
N ASN A 13 4.05 -11.36 -17.84
CA ASN A 13 3.13 -10.35 -18.32
C ASN A 13 2.28 -10.98 -19.41
N SER A 14 1.47 -10.15 -20.08
CA SER A 14 0.56 -10.66 -21.09
C SER A 14 1.25 -11.15 -22.36
N LEU A 15 2.57 -11.03 -22.48
CA LEU A 15 3.28 -11.56 -23.64
C LEU A 15 4.24 -12.69 -23.28
N GLY A 16 4.25 -13.16 -22.03
CA GLY A 16 5.05 -14.34 -21.71
C GLY A 16 5.03 -14.68 -20.23
N LEU A 17 5.37 -15.93 -19.94
CA LEU A 17 5.41 -16.46 -18.58
C LEU A 17 6.78 -16.33 -17.94
N ASN A 18 7.81 -15.95 -18.70
CA ASN A 18 9.16 -15.77 -18.18
C ASN A 18 9.81 -14.68 -19.03
N LYS A 19 10.99 -14.23 -18.60
CA LYS A 19 11.54 -13.02 -19.21
C LYS A 19 12.07 -13.25 -20.63
N GLU A 20 12.48 -14.47 -20.97
CA GLU A 20 13.03 -14.70 -22.30
C GLU A 20 11.93 -14.70 -23.36
N ASP A 21 10.85 -15.41 -23.10
CA ASP A 21 9.70 -15.38 -24.01
C ASP A 21 9.12 -13.98 -24.09
N SER A 22 8.94 -13.36 -22.93
CA SER A 22 8.26 -12.08 -22.87
C SER A 22 9.07 -11.02 -23.59
N PHE A 23 10.35 -10.90 -23.25
CA PHE A 23 11.16 -9.86 -23.87
C PHE A 23 11.25 -10.07 -25.38
N LEU A 24 11.41 -11.31 -25.83
CA LEU A 24 11.47 -11.58 -27.26
C LEU A 24 10.20 -11.09 -27.95
N ALA A 25 9.05 -11.43 -27.39
CA ALA A 25 7.79 -10.97 -27.97
C ALA A 25 7.70 -9.44 -27.93
N ILE A 26 8.13 -8.83 -26.82
CA ILE A 26 8.09 -7.37 -26.71
C ILE A 26 9.00 -6.72 -27.75
N ALA A 27 10.20 -7.29 -27.94
CA ALA A 27 11.16 -6.69 -28.85
C ALA A 27 10.69 -6.81 -30.31
N LYS A 28 9.94 -7.89 -30.63
CA LYS A 28 9.35 -8.09 -31.99
C LYS A 28 8.09 -7.24 -32.15
N GLY A 29 7.72 -6.47 -31.13
CA GLY A 29 6.56 -5.64 -31.37
C GLY A 29 5.24 -6.38 -31.36
N GLU A 30 5.17 -7.56 -30.75
CA GLU A 30 3.87 -8.18 -30.55
C GLU A 30 3.06 -7.36 -29.55
N CYS A 31 1.79 -7.73 -29.40
CA CYS A 31 0.93 -7.06 -28.42
C CYS A 31 0.07 -8.10 -27.71
N GLY A 32 0.08 -8.07 -26.37
CA GLY A 32 -0.70 -8.96 -25.53
C GLY A 32 -2.07 -8.44 -25.09
N ILE A 33 -2.47 -7.24 -25.54
CA ILE A 33 -3.77 -6.70 -25.21
C ILE A 33 -4.85 -7.56 -25.87
N LYS A 34 -5.88 -7.88 -25.12
CA LYS A 34 -6.98 -8.69 -25.69
C LYS A 34 -8.31 -8.23 -25.10
N HIS A 35 -9.39 -8.88 -25.49
CA HIS A 35 -10.72 -8.54 -24.91
C HIS A 35 -10.77 -9.16 -23.52
N ILE A 36 -11.32 -8.40 -22.57
CA ILE A 36 -11.34 -8.89 -21.17
C ILE A 36 -12.21 -10.15 -21.10
N GLU A 37 -11.67 -11.22 -20.54
CA GLU A 37 -12.51 -12.42 -20.33
C GLU A 37 -12.48 -12.82 -18.85
N SER A 38 -11.66 -12.16 -18.02
CA SER A 38 -11.63 -12.65 -16.64
C SER A 38 -12.82 -12.20 -15.82
N PHE A 39 -13.62 -11.26 -16.33
CA PHE A 39 -14.96 -11.02 -15.81
C PHE A 39 -15.86 -10.63 -16.99
N ASP A 40 -17.15 -10.44 -16.71
CA ASP A 40 -18.10 -10.10 -17.77
C ASP A 40 -18.03 -8.60 -17.98
N ALA A 41 -17.41 -8.18 -19.09
CA ALA A 41 -17.27 -6.74 -19.38
C ALA A 41 -18.24 -6.33 -20.50
N SER A 42 -19.27 -7.14 -20.76
CA SER A 42 -20.18 -6.88 -21.89
C SER A 42 -20.85 -5.50 -21.72
N ALA A 43 -21.13 -5.11 -20.48
CA ALA A 43 -21.84 -3.85 -20.24
C ALA A 43 -20.88 -2.71 -19.88
N PHE A 44 -19.57 -2.88 -20.08
CA PHE A 44 -18.59 -1.86 -19.62
C PHE A 44 -18.13 -0.98 -20.80
N PRO A 45 -17.73 0.29 -20.54
CA PRO A 45 -17.22 1.15 -21.63
C PRO A 45 -15.80 0.82 -22.05
N VAL A 46 -15.09 0.03 -21.27
CA VAL A 46 -13.75 -0.42 -21.58
C VAL A 46 -13.75 -1.92 -21.41
N ARG A 47 -13.37 -2.65 -22.46
CA ARG A 47 -13.51 -4.09 -22.51
C ARG A 47 -12.22 -4.76 -22.98
N ILE A 48 -11.09 -4.07 -22.83
CA ILE A 48 -9.80 -4.58 -23.27
C ILE A 48 -8.80 -4.45 -22.13
N ALA A 49 -7.80 -5.33 -22.12
CA ALA A 49 -6.81 -5.32 -21.05
C ALA A 49 -5.65 -6.22 -21.42
N GLY A 50 -4.50 -6.00 -20.78
CA GLY A 50 -3.41 -6.93 -20.93
C GLY A 50 -3.54 -8.12 -20.02
N GLU A 51 -4.51 -9.00 -20.30
CA GLU A 51 -4.76 -10.18 -19.47
C GLU A 51 -3.76 -11.27 -19.78
N ILE A 52 -3.27 -11.95 -18.76
CA ILE A 52 -2.45 -13.13 -18.95
C ILE A 52 -3.37 -14.35 -18.95
N THR A 53 -3.41 -15.05 -20.09
CA THR A 53 -4.39 -16.12 -20.26
C THR A 53 -3.80 -17.50 -20.11
N ASP A 54 -2.48 -17.64 -20.10
CA ASP A 54 -1.85 -18.95 -19.99
C ASP A 54 -1.21 -19.17 -18.63
N PHE A 55 -1.61 -18.41 -17.61
CA PHE A 55 -1.01 -18.54 -16.30
C PHE A 55 -1.80 -19.55 -15.45
N ASP A 56 -1.09 -20.51 -14.89
CA ASP A 56 -1.67 -21.52 -14.01
C ASP A 56 -1.07 -21.36 -12.61
N PRO A 57 -1.82 -20.81 -11.63
CA PRO A 57 -1.24 -20.62 -10.28
C PRO A 57 -0.73 -21.90 -9.65
N THR A 58 -1.33 -23.04 -10.02
CA THR A 58 -0.97 -24.35 -9.40
C THR A 58 0.50 -24.70 -9.66
N GLU A 59 1.15 -24.07 -10.63
CA GLU A 59 2.55 -24.43 -11.00
C GLU A 59 3.54 -23.65 -10.14
N VAL A 60 3.06 -22.65 -9.39
CA VAL A 60 3.94 -21.78 -8.58
C VAL A 60 3.69 -22.08 -7.10
N MET A 61 2.48 -22.49 -6.74
CA MET A 61 2.19 -22.69 -5.30
C MET A 61 1.31 -23.91 -5.09
N ASN A 62 1.30 -24.46 -3.87
CA ASN A 62 0.42 -25.62 -3.56
C ASN A 62 -1.04 -25.17 -3.70
N PRO A 63 -1.93 -25.99 -4.30
CA PRO A 63 -3.32 -25.59 -4.52
C PRO A 63 -3.97 -25.06 -3.24
N LYS A 64 -3.69 -25.71 -2.11
CA LYS A 64 -4.29 -25.29 -0.81
C LYS A 64 -3.96 -23.82 -0.54
N ASP A 65 -2.74 -23.39 -0.87
CA ASP A 65 -2.31 -21.99 -0.57
C ASP A 65 -2.80 -21.03 -1.66
N VAL A 66 -3.18 -21.54 -2.83
CA VAL A 66 -3.59 -20.66 -3.96
C VAL A 66 -4.76 -19.77 -3.51
N LYS A 67 -5.73 -20.35 -2.78
CA LYS A 67 -6.91 -19.59 -2.32
C LYS A 67 -6.50 -18.59 -1.24
N LYS A 68 -5.22 -18.60 -0.85
CA LYS A 68 -4.72 -17.70 0.21
C LYS A 68 -4.01 -16.50 -0.43
N ALA A 69 -3.89 -16.45 -1.76
CA ALA A 69 -3.15 -15.33 -2.34
C ALA A 69 -3.95 -14.67 -3.44
N GLY A 70 -4.10 -13.35 -3.37
CA GLY A 70 -4.65 -12.62 -4.50
C GLY A 70 -3.83 -12.87 -5.75
N ARG A 71 -4.44 -12.68 -6.93
CA ARG A 71 -3.74 -12.96 -8.17
C ARG A 71 -2.40 -12.23 -8.26
N PHE A 72 -2.34 -10.98 -7.80
CA PHE A 72 -1.09 -10.23 -7.88
C PHE A 72 0.03 -10.94 -7.12
N ILE A 73 -0.29 -11.57 -6.00
CA ILE A 73 0.71 -12.34 -5.25
C ILE A 73 1.11 -13.59 -6.01
N GLN A 74 0.15 -14.26 -6.63
CA GLN A 74 0.47 -15.42 -7.46
C GLN A 74 1.46 -15.05 -8.55
N LEU A 75 1.26 -13.89 -9.20
CA LEU A 75 2.18 -13.47 -10.24
C LEU A 75 3.54 -13.11 -9.66
N ALA A 76 3.56 -12.53 -8.45
CA ALA A 76 4.82 -12.21 -7.80
C ALA A 76 5.60 -13.49 -7.49
N LEU A 77 4.91 -14.54 -7.06
CA LEU A 77 5.60 -15.78 -6.75
C LEU A 77 6.20 -16.40 -8.01
N LYS A 78 5.52 -16.21 -9.15
CA LYS A 78 6.07 -16.72 -10.43
C LYS A 78 7.33 -15.92 -10.78
N ALA A 79 7.24 -14.61 -10.70
CA ALA A 79 8.38 -13.80 -11.12
C ALA A 79 9.57 -13.98 -10.19
N THR A 80 9.32 -14.03 -8.88
CA THR A 80 10.44 -14.12 -7.95
C THR A 80 11.07 -15.52 -7.99
N ARG A 81 10.25 -16.56 -8.13
CA ARG A 81 10.82 -17.89 -8.29
C ARG A 81 11.80 -17.91 -9.46
N GLU A 82 11.39 -17.33 -10.60
CA GLU A 82 12.28 -17.27 -11.76
C GLU A 82 13.56 -16.51 -11.43
N ALA A 83 13.45 -15.36 -10.75
CA ALA A 83 14.63 -14.54 -10.46
C ALA A 83 15.54 -15.21 -9.42
N MET A 84 14.95 -15.78 -8.36
CA MET A 84 15.76 -16.44 -7.34
C MET A 84 16.49 -17.65 -7.92
N LYS A 85 15.78 -18.46 -8.70
CA LYS A 85 16.45 -19.60 -9.39
C LYS A 85 17.52 -19.04 -10.32
N ASP A 86 17.17 -17.99 -11.05
CA ASP A 86 18.13 -17.38 -11.96
C ASP A 86 19.39 -16.93 -11.24
N SER A 87 19.30 -16.63 -9.94
CA SER A 87 20.42 -16.01 -9.24
C SER A 87 21.46 -17.03 -8.76
N GLY A 88 21.10 -18.32 -8.66
CA GLY A 88 21.98 -19.30 -8.07
C GLY A 88 22.10 -19.24 -6.57
N ILE A 89 21.32 -18.39 -5.90
CA ILE A 89 21.40 -18.28 -4.44
C ILE A 89 20.86 -19.55 -3.77
N LEU A 90 19.84 -20.17 -4.35
CA LEU A 90 19.02 -21.15 -3.64
C LEU A 90 19.78 -22.46 -3.41
N ASP A 91 19.51 -23.09 -2.27
CA ASP A 91 20.13 -24.37 -1.94
C ASP A 91 19.33 -25.50 -2.59
N ALA A 92 19.64 -26.75 -2.20
CA ALA A 92 18.97 -27.90 -2.79
C ALA A 92 17.48 -27.96 -2.48
N HIS A 93 17.03 -27.27 -1.43
CA HIS A 93 15.61 -27.24 -1.12
C HIS A 93 14.96 -25.94 -1.58
N ASN A 94 15.62 -25.21 -2.48
CA ASN A 94 15.07 -23.99 -3.06
C ASN A 94 14.79 -22.96 -1.96
N ARG A 95 15.72 -22.89 -1.01
CA ARG A 95 15.74 -21.97 0.11
C ARG A 95 17.00 -21.13 0.03
N CYS A 96 16.92 -19.94 0.60
CA CYS A 96 18.14 -19.21 0.89
C CYS A 96 18.94 -20.00 1.94
N PRO A 97 20.26 -20.18 1.73
CA PRO A 97 21.07 -20.84 2.76
C PRO A 97 20.94 -20.11 4.09
N GLU A 98 20.85 -20.89 5.17
CA GLU A 98 20.48 -20.34 6.48
C GLU A 98 21.45 -19.26 6.94
N GLU A 99 22.71 -19.33 6.51
CA GLU A 99 23.72 -18.36 6.94
C GLU A 99 23.74 -17.09 6.10
N LEU A 100 23.03 -17.06 4.98
CA LEU A 100 22.81 -15.83 4.23
C LEU A 100 21.45 -15.21 4.49
N ALA A 101 20.56 -15.92 5.21
CA ALA A 101 19.15 -15.55 5.22
C ALA A 101 18.89 -14.22 5.94
N ASN A 102 19.62 -13.93 7.03
CA ASN A 102 19.33 -12.72 7.79
C ASN A 102 19.73 -11.45 7.07
N ARG A 103 20.59 -11.56 6.05
CA ARG A 103 21.09 -10.40 5.33
C ARG A 103 20.49 -10.28 3.93
N MET A 104 19.48 -11.09 3.63
CA MET A 104 18.72 -10.98 2.38
C MET A 104 17.29 -10.64 2.72
N GLY A 105 16.84 -9.44 2.34
CA GLY A 105 15.48 -9.01 2.51
C GLY A 105 14.70 -8.95 1.21
N VAL A 106 13.51 -8.34 1.29
CA VAL A 106 12.62 -8.26 0.14
C VAL A 106 11.96 -6.88 0.11
N SER A 107 11.94 -6.28 -1.07
CA SER A 107 11.30 -5.00 -1.29
C SER A 107 10.24 -5.20 -2.36
N SER A 108 8.98 -5.03 -1.99
CA SER A 108 7.87 -5.29 -2.89
C SER A 108 7.13 -4.00 -3.23
N GLY A 109 6.53 -3.98 -4.41
CA GLY A 109 5.75 -2.82 -4.84
C GLY A 109 4.43 -3.24 -5.44
N SER A 110 3.38 -2.50 -5.10
CA SER A 110 2.09 -2.62 -5.76
C SER A 110 1.25 -1.39 -5.46
N GLY A 111 0.33 -1.05 -6.36
CA GLY A 111 -0.54 0.12 -6.17
C GLY A 111 -1.69 -0.15 -5.21
N ILE A 112 -2.40 -1.28 -5.36
CA ILE A 112 -3.59 -1.55 -4.52
C ILE A 112 -3.61 -3.02 -4.08
N GLY A 113 -2.85 -3.88 -4.77
CA GLY A 113 -2.77 -5.30 -4.38
C GLY A 113 -4.02 -6.07 -4.74
N GLY A 114 -4.63 -6.76 -3.78
CA GLY A 114 -5.77 -7.61 -4.08
C GLY A 114 -7.13 -6.94 -4.21
N LEU A 115 -7.28 -6.04 -5.18
CA LEU A 115 -8.54 -5.26 -5.34
C LEU A 115 -9.72 -6.22 -5.53
N GLY A 116 -9.58 -7.15 -6.47
CA GLY A 116 -10.67 -8.11 -6.69
C GLY A 116 -11.06 -8.86 -5.43
N ASN A 117 -10.11 -9.09 -4.51
CA ASN A 117 -10.48 -9.79 -3.28
C ASN A 117 -11.23 -8.88 -2.32
N ILE A 118 -10.88 -7.60 -2.28
CA ILE A 118 -11.65 -6.66 -1.43
C ILE A 118 -13.04 -6.50 -2.06
N GLU A 119 -13.10 -6.31 -3.38
CA GLU A 119 -14.38 -6.18 -4.04
C GLU A 119 -15.27 -7.39 -3.75
N ALA A 120 -14.73 -8.60 -3.89
CA ALA A 120 -15.55 -9.81 -3.68
C ALA A 120 -16.03 -9.91 -2.24
N ASN A 121 -15.14 -9.67 -1.28
CA ASN A 121 -15.57 -9.79 0.12
C ASN A 121 -16.43 -8.61 0.56
N SER A 122 -16.24 -7.42 -0.04
CA SER A 122 -17.15 -6.32 0.25
C SER A 122 -18.57 -6.69 -0.12
N ILE A 123 -18.74 -7.39 -1.24
CA ILE A 123 -20.05 -7.77 -1.73
C ILE A 123 -20.63 -8.92 -0.90
N PHE A 124 -19.82 -9.94 -0.58
CA PHE A 124 -20.24 -10.98 0.36
C PHE A 124 -20.83 -10.36 1.62
N CYS A 125 -20.10 -9.43 2.23
CA CYS A 125 -20.54 -8.85 3.48
C CYS A 125 -21.85 -8.09 3.29
N PHE A 126 -21.96 -7.36 2.20
CA PHE A 126 -23.16 -6.55 1.95
C PHE A 126 -24.38 -7.43 1.68
N GLU A 127 -24.19 -8.55 0.97
CA GLU A 127 -25.33 -9.35 0.53
C GLU A 127 -25.80 -10.32 1.61
N LYS A 128 -24.81 -10.91 2.31
CA LYS A 128 -25.14 -12.00 3.26
C LYS A 128 -24.51 -11.85 4.63
N GLY A 129 -23.95 -10.68 4.98
CA GLY A 129 -23.42 -10.43 6.30
C GLY A 129 -21.98 -10.84 6.52
N PRO A 130 -21.41 -10.39 7.65
CA PRO A 130 -19.98 -10.61 7.90
C PRO A 130 -19.61 -12.07 8.06
N ARG A 131 -20.57 -12.96 8.29
CA ARG A 131 -20.29 -14.39 8.33
C ARG A 131 -19.85 -14.91 6.98
N LYS A 132 -20.15 -14.18 5.91
CA LYS A 132 -19.73 -14.64 4.56
C LYS A 132 -18.36 -14.05 4.16
N VAL A 133 -17.73 -13.28 5.04
CA VAL A 133 -16.38 -12.82 4.74
C VAL A 133 -15.42 -13.99 4.86
N ASN A 134 -14.66 -14.23 3.80
CA ASN A 134 -13.72 -15.32 3.78
C ASN A 134 -12.57 -15.04 4.74
N PRO A 135 -12.18 -16.00 5.58
CA PRO A 135 -11.04 -15.75 6.48
C PRO A 135 -9.74 -15.49 5.73
N PHE A 136 -9.60 -15.97 4.49
CA PHE A 136 -8.30 -15.73 3.82
C PHE A 136 -8.30 -14.36 3.13
N PHE A 137 -9.31 -13.55 3.38
CA PHE A 137 -9.45 -12.25 2.68
C PHE A 137 -8.27 -11.33 2.91
N ILE A 138 -8.02 -10.93 4.15
CA ILE A 138 -7.01 -9.87 4.44
C ILE A 138 -5.65 -10.29 3.90
N THR A 139 -5.22 -11.48 4.28
CA THR A 139 -3.86 -11.84 3.89
C THR A 139 -3.74 -12.19 2.42
N SER A 140 -4.85 -12.29 1.69
CA SER A 140 -4.78 -12.43 0.24
C SER A 140 -4.68 -11.10 -0.48
N ALA A 141 -4.95 -9.99 0.20
CA ALA A 141 -5.19 -8.71 -0.45
C ALA A 141 -4.18 -7.61 -0.12
N LEU A 142 -3.58 -7.66 1.06
CA LEU A 142 -2.61 -6.60 1.49
C LEU A 142 -1.38 -6.56 0.57
N VAL A 143 -1.02 -5.38 0.08
CA VAL A 143 0.14 -5.17 -0.79
C VAL A 143 1.38 -5.88 -0.24
N ASN A 144 1.59 -5.79 1.08
CA ASN A 144 2.85 -6.30 1.61
C ASN A 144 2.88 -7.81 1.70
N MET A 145 1.75 -8.47 1.47
CA MET A 145 1.78 -9.93 1.42
C MET A 145 2.58 -10.45 0.23
N ILE A 146 2.93 -9.59 -0.73
CA ILE A 146 3.95 -9.99 -1.71
C ILE A 146 5.23 -10.39 -0.98
N GLY A 147 5.71 -9.50 -0.11
CA GLY A 147 6.92 -9.81 0.63
C GLY A 147 6.70 -10.86 1.69
N GLY A 148 5.50 -10.91 2.25
CA GLY A 148 5.17 -11.95 3.20
C GLY A 148 5.30 -13.31 2.56
N PHE A 149 4.53 -13.56 1.49
CA PHE A 149 4.56 -14.87 0.85
C PHE A 149 5.95 -15.19 0.31
N THR A 150 6.63 -14.21 -0.31
CA THR A 150 7.92 -14.50 -0.93
C THR A 150 8.98 -14.77 0.12
N SER A 151 9.03 -13.97 1.20
CA SER A 151 10.03 -14.23 2.24
C SER A 151 9.86 -15.63 2.83
N ILE A 152 8.62 -16.06 3.02
CA ILE A 152 8.37 -17.41 3.51
C ILE A 152 8.79 -18.45 2.48
N GLU A 153 8.46 -18.22 1.20
CA GLU A 153 8.81 -19.21 0.19
C GLU A 153 10.32 -19.41 0.08
N PHE A 154 11.10 -18.35 0.27
CA PHE A 154 12.53 -18.44 0.04
C PHE A 154 13.34 -18.43 1.31
N GLY A 155 12.71 -18.26 2.47
CA GLY A 155 13.44 -18.22 3.72
C GLY A 155 14.36 -17.02 3.86
N ILE A 156 13.93 -15.85 3.44
CA ILE A 156 14.78 -14.67 3.50
C ILE A 156 14.27 -13.76 4.60
N LYS A 157 15.19 -13.33 5.48
CA LYS A 157 14.77 -12.76 6.76
C LYS A 157 15.27 -11.35 6.97
N GLY A 158 15.84 -10.71 5.94
CA GLY A 158 16.26 -9.33 6.06
C GLY A 158 15.09 -8.37 6.01
N PRO A 159 15.38 -7.06 5.93
CA PRO A 159 14.31 -6.05 5.86
C PRO A 159 13.24 -6.43 4.83
N ASN A 160 11.99 -6.26 5.23
CA ASN A 160 10.83 -6.75 4.49
C ASN A 160 9.97 -5.51 4.31
N LEU A 161 10.11 -4.88 3.13
CA LEU A 161 9.60 -3.53 2.89
C LEU A 161 8.66 -3.53 1.69
N SER A 162 7.72 -2.59 1.67
CA SER A 162 6.73 -2.56 0.61
C SER A 162 6.36 -1.12 0.28
N SER A 163 6.41 -0.80 -1.02
CA SER A 163 6.11 0.53 -1.52
C SER A 163 4.74 0.51 -2.21
N VAL A 164 3.96 1.57 -2.03
CA VAL A 164 2.60 1.60 -2.53
C VAL A 164 2.36 2.92 -3.27
N THR A 165 3.42 3.46 -3.88
CA THR A 165 3.31 4.73 -4.60
C THR A 165 2.71 4.60 -5.99
N ALA A 166 1.51 3.99 -6.08
CA ALA A 166 0.71 4.06 -7.29
C ALA A 166 1.47 3.51 -8.51
N CYS A 167 1.44 4.21 -9.64
CA CYS A 167 2.08 3.66 -10.86
C CYS A 167 3.63 3.75 -10.77
N ALA A 168 4.17 4.36 -9.73
CA ALA A 168 5.63 4.36 -9.56
C ALA A 168 6.11 3.38 -8.47
N ALA A 169 5.19 2.57 -7.94
CA ALA A 169 5.52 1.62 -6.88
C ALA A 169 6.64 0.65 -7.30
N GLY A 170 6.60 0.13 -8.53
CA GLY A 170 7.63 -0.80 -8.96
C GLY A 170 9.03 -0.21 -8.92
N THR A 171 9.14 1.07 -9.22
CA THR A 171 10.44 1.71 -9.26
C THR A 171 10.89 2.12 -7.88
N HIS A 172 9.97 2.62 -7.06
CA HIS A 172 10.30 2.94 -5.68
C HIS A 172 10.72 1.69 -4.92
N ALA A 173 10.15 0.51 -5.24
CA ALA A 173 10.56 -0.73 -4.60
C ALA A 173 12.03 -1.04 -4.89
N ILE A 174 12.49 -0.81 -6.14
CA ILE A 174 13.92 -0.90 -6.45
C ILE A 174 14.73 0.07 -5.59
N ILE A 175 14.31 1.34 -5.54
CA ILE A 175 15.10 2.37 -4.87
C ILE A 175 15.20 2.09 -3.36
N GLU A 176 14.10 1.66 -2.75
CA GLU A 176 14.13 1.36 -1.32
C GLU A 176 15.05 0.18 -1.03
N ALA A 177 15.10 -0.79 -1.94
CA ALA A 177 16.05 -1.89 -1.78
C ALA A 177 17.49 -1.40 -1.94
N VAL A 178 17.74 -0.53 -2.93
CA VAL A 178 19.06 0.05 -3.09
C VAL A 178 19.47 0.83 -1.84
N LYS A 179 18.56 1.66 -1.32
CA LYS A 179 18.88 2.43 -0.13
C LYS A 179 19.22 1.51 1.04
N THR A 180 18.41 0.46 1.24
CA THR A 180 18.65 -0.48 2.32
C THR A 180 20.06 -1.09 2.23
N ILE A 181 20.47 -1.49 1.02
CA ILE A 181 21.81 -2.08 0.83
C ILE A 181 22.89 -1.02 0.98
N LEU A 182 22.67 0.18 0.45
CA LEU A 182 23.64 1.26 0.61
C LEU A 182 23.92 1.56 2.08
N LEU A 183 22.89 1.53 2.94
CA LEU A 183 23.09 1.83 4.34
C LEU A 183 23.45 0.59 5.16
N ASN A 184 23.86 -0.49 4.50
CA ASN A 184 24.35 -1.71 5.14
C ASN A 184 23.28 -2.44 5.93
N GLY A 185 22.01 -2.24 5.58
CA GLY A 185 20.93 -2.97 6.20
C GLY A 185 20.71 -4.34 5.64
N ALA A 186 21.35 -4.65 4.52
CA ALA A 186 21.26 -5.95 3.87
C ALA A 186 22.40 -6.06 2.88
N ASP A 187 22.81 -7.30 2.58
CA ASP A 187 23.76 -7.54 1.51
C ASP A 187 23.08 -7.91 0.20
N ARG A 188 21.84 -8.39 0.31
CA ARG A 188 21.05 -8.84 -0.88
C ARG A 188 19.58 -8.48 -0.67
N MET A 189 18.87 -8.13 -1.73
CA MET A 189 17.44 -7.85 -1.64
C MET A 189 16.75 -8.44 -2.85
N LEU A 190 15.62 -9.09 -2.61
CA LEU A 190 14.71 -9.46 -3.68
C LEU A 190 13.76 -8.29 -3.91
N VAL A 191 13.68 -7.81 -5.15
CA VAL A 191 12.77 -6.74 -5.51
C VAL A 191 11.69 -7.33 -6.41
N VAL A 192 10.43 -6.97 -6.16
CA VAL A 192 9.36 -7.41 -7.06
C VAL A 192 8.21 -6.41 -7.06
N GLY A 193 7.86 -5.93 -8.25
CA GLY A 193 6.60 -5.20 -8.45
C GLY A 193 5.57 -6.12 -9.06
N ALA A 194 4.33 -6.06 -8.55
CA ALA A 194 3.30 -6.96 -9.05
C ALA A 194 1.94 -6.27 -8.99
N GLU A 195 1.13 -6.51 -10.01
CA GLU A 195 -0.21 -5.93 -10.01
C GLU A 195 -1.13 -6.77 -10.85
N SER A 196 -2.36 -6.92 -10.37
CA SER A 196 -3.40 -7.60 -11.14
C SER A 196 -4.75 -7.04 -10.66
N THR A 197 -5.31 -6.12 -11.45
CA THR A 197 -6.52 -5.40 -11.06
C THR A 197 -7.55 -5.37 -12.19
N ILE A 198 -7.52 -6.37 -13.07
CA ILE A 198 -8.51 -6.47 -14.14
C ILE A 198 -9.77 -7.08 -13.54
N CYS A 199 -10.56 -6.24 -12.90
CA CYS A 199 -11.77 -6.64 -12.22
C CYS A 199 -12.78 -5.51 -12.37
N PRO A 200 -14.07 -5.78 -12.16
CA PRO A 200 -15.09 -4.74 -12.43
C PRO A 200 -14.82 -3.38 -11.80
N VAL A 201 -14.52 -3.33 -10.51
CA VAL A 201 -14.34 -2.02 -9.87
C VAL A 201 -13.00 -1.39 -10.28
N GLY A 202 -12.04 -2.21 -10.64
CA GLY A 202 -10.80 -1.58 -11.12
C GLY A 202 -10.98 -0.94 -12.48
N ILE A 203 -11.50 -1.72 -13.44
CA ILE A 203 -11.75 -1.12 -14.74
C ILE A 203 -12.70 0.07 -14.58
N GLY A 204 -13.72 -0.07 -13.75
CA GLY A 204 -14.69 1.00 -13.58
C GLY A 204 -14.07 2.25 -12.97
N GLY A 205 -13.17 2.07 -12.02
CA GLY A 205 -12.53 3.22 -11.39
C GLY A 205 -11.75 4.06 -12.38
N PHE A 206 -11.09 3.42 -13.33
CA PHE A 206 -10.25 4.17 -14.29
C PHE A 206 -11.11 4.70 -15.44
N ALA A 207 -12.22 4.03 -15.72
CA ALA A 207 -13.06 4.54 -16.80
C ALA A 207 -13.85 5.75 -16.35
N SER A 208 -14.23 5.82 -15.07
CA SER A 208 -14.98 6.97 -14.59
C SER A 208 -14.15 8.25 -14.54
N ILE A 209 -12.82 8.16 -14.51
CA ILE A 209 -11.99 9.34 -14.72
C ILE A 209 -11.52 9.46 -16.17
N LYS A 210 -12.03 8.60 -17.06
CA LYS A 210 -11.68 8.75 -18.50
C LYS A 210 -10.17 8.65 -18.71
N ALA A 211 -9.53 7.71 -18.05
CA ALA A 211 -8.10 7.52 -18.27
C ALA A 211 -7.78 6.34 -19.18
N LEU A 212 -8.77 5.49 -19.48
CA LEU A 212 -8.56 4.28 -20.26
C LEU A 212 -8.93 4.50 -21.72
N SER A 213 -8.17 3.89 -22.63
CA SER A 213 -8.57 3.86 -24.03
C SER A 213 -9.84 3.06 -24.20
N THR A 214 -10.76 3.56 -25.04
CA THR A 214 -11.99 2.87 -25.40
C THR A 214 -11.93 2.32 -26.82
N ARG A 215 -10.73 2.10 -27.36
CA ARG A 215 -10.60 1.47 -28.68
C ARG A 215 -10.86 -0.03 -28.55
N ASN A 216 -12.12 -0.34 -28.22
CA ASN A 216 -12.51 -1.71 -27.91
C ASN A 216 -12.52 -2.61 -29.13
N ASP A 217 -12.65 -2.03 -30.34
CA ASP A 217 -12.76 -2.84 -31.56
C ASP A 217 -11.42 -3.35 -32.07
N GLU A 218 -10.31 -2.69 -31.71
CA GLU A 218 -8.97 -3.13 -32.08
C GLU A 218 -8.10 -3.08 -30.83
N PRO A 219 -8.14 -4.12 -29.98
CA PRO A 219 -7.33 -4.11 -28.74
C PRO A 219 -5.84 -3.93 -28.97
N LYS A 220 -5.27 -4.63 -29.95
CA LYS A 220 -3.84 -4.56 -30.23
C LYS A 220 -3.42 -3.20 -30.79
N LYS A 221 -4.34 -2.28 -31.04
CA LYS A 221 -3.97 -0.97 -31.52
C LYS A 221 -4.38 0.13 -30.55
N ALA A 222 -4.87 -0.23 -29.36
CA ALA A 222 -5.37 0.79 -28.44
C ALA A 222 -4.26 1.47 -27.65
N SER A 223 -3.19 0.75 -27.34
CA SER A 223 -2.10 1.28 -26.53
C SER A 223 -0.99 1.73 -27.47
N ARG A 224 -0.70 3.02 -27.46
CA ARG A 224 0.11 3.62 -28.52
C ARG A 224 0.82 4.84 -27.99
N PRO A 225 1.78 4.65 -27.09
CA PRO A 225 2.42 5.80 -26.44
C PRO A 225 2.97 6.79 -27.45
N PHE A 226 2.76 8.08 -27.17
CA PHE A 226 3.32 9.19 -27.94
C PHE A 226 2.68 9.37 -29.31
N ASP A 227 1.79 8.46 -29.71
CA ASP A 227 1.12 8.59 -31.00
C ASP A 227 0.00 9.62 -30.90
N LYS A 228 -0.27 10.32 -31.99
CA LYS A 228 -1.26 11.44 -31.96
C LYS A 228 -2.67 10.90 -31.69
N ASP A 229 -2.96 9.67 -32.09
CA ASP A 229 -4.29 9.11 -31.88
C ASP A 229 -4.42 8.32 -30.57
N ARG A 230 -3.45 8.42 -29.66
CA ARG A 230 -3.62 7.83 -28.34
C ARG A 230 -4.84 8.43 -27.65
N ASN A 231 -5.48 7.64 -26.79
CA ASN A 231 -6.68 8.14 -26.14
C ASN A 231 -6.89 7.46 -24.78
N GLY A 232 -5.79 7.17 -24.07
CA GLY A 232 -5.90 6.61 -22.73
C GLY A 232 -5.12 5.34 -22.58
N PHE A 233 -4.85 4.90 -21.36
CA PHE A 233 -3.99 3.74 -21.26
C PHE A 233 -4.83 2.47 -21.35
N VAL A 234 -4.13 1.36 -21.51
CA VAL A 234 -4.72 0.03 -21.43
C VAL A 234 -4.13 -0.66 -20.22
N MET A 235 -4.99 -1.19 -19.34
CA MET A 235 -4.51 -1.73 -18.08
C MET A 235 -3.90 -3.09 -18.33
N GLY A 236 -2.67 -3.29 -17.87
CA GLY A 236 -2.06 -4.61 -17.92
C GLY A 236 -1.90 -5.23 -16.53
N GLU A 237 -1.68 -6.54 -16.48
CA GLU A 237 -1.33 -7.25 -15.26
C GLU A 237 0.03 -7.89 -15.43
N GLY A 238 0.74 -8.10 -14.33
CA GLY A 238 2.02 -8.76 -14.42
C GLY A 238 2.88 -8.55 -13.19
N ALA A 239 4.09 -9.08 -13.27
CA ALA A 239 5.06 -8.91 -12.20
C ALA A 239 6.45 -8.99 -12.78
N GLY A 240 7.33 -8.12 -12.31
CA GLY A 240 8.76 -8.24 -12.57
C GLY A 240 9.52 -8.35 -11.26
N ALA A 241 10.66 -9.05 -11.31
CA ALA A 241 11.47 -9.26 -10.13
C ALA A 241 12.95 -9.18 -10.45
N LEU A 242 13.72 -8.65 -9.50
CA LEU A 242 15.17 -8.53 -9.60
C LEU A 242 15.79 -8.94 -8.28
N VAL A 243 16.96 -9.57 -8.36
CA VAL A 243 17.82 -9.78 -7.20
C VAL A 243 18.93 -8.75 -7.27
N LEU A 244 18.99 -7.89 -6.24
CA LEU A 244 20.11 -6.98 -6.04
C LEU A 244 21.03 -7.55 -4.97
N GLU A 245 22.32 -7.28 -5.13
CA GLU A 245 23.38 -7.90 -4.36
C GLU A 245 24.54 -6.92 -4.27
N GLU A 246 25.11 -6.74 -3.09
CA GLU A 246 26.35 -5.99 -2.98
C GLU A 246 27.43 -6.65 -3.84
N TYR A 247 28.20 -5.80 -4.53
CA TYR A 247 29.19 -6.31 -5.53
C TYR A 247 30.13 -7.37 -4.94
N GLU A 248 30.92 -7.01 -3.92
CA GLU A 248 31.89 -7.98 -3.38
C GLU A 248 31.18 -9.30 -3.08
N SER A 249 29.99 -9.23 -2.46
CA SER A 249 29.27 -10.47 -2.14
C SER A 249 28.87 -11.22 -3.40
N ALA A 250 28.51 -10.51 -4.47
CA ALA A 250 28.17 -11.19 -5.72
C ALA A 250 29.40 -11.90 -6.30
N LYS A 251 30.50 -11.16 -6.45
CA LYS A 251 31.75 -11.75 -6.99
C LYS A 251 32.15 -12.99 -6.17
N LYS A 252 32.19 -12.85 -4.85
CA LYS A 252 32.60 -13.97 -3.99
C LYS A 252 31.74 -15.21 -4.23
N ARG A 253 30.44 -15.01 -4.45
CA ARG A 253 29.50 -16.08 -4.72
C ARG A 253 29.70 -16.72 -6.10
N GLY A 254 30.36 -16.02 -7.02
CA GLY A 254 30.33 -16.45 -8.40
C GLY A 254 29.06 -16.06 -9.14
N ALA A 255 28.36 -15.01 -8.70
CA ALA A 255 27.11 -14.63 -9.33
C ALA A 255 27.30 -14.16 -10.77
N LYS A 256 26.23 -14.31 -11.54
CA LYS A 256 26.23 -13.72 -12.91
C LYS A 256 25.85 -12.26 -12.70
N ILE A 257 26.39 -11.38 -13.52
CA ILE A 257 26.20 -9.93 -13.35
C ILE A 257 25.45 -9.40 -14.57
N TYR A 258 24.18 -9.06 -14.38
CA TYR A 258 23.40 -8.47 -15.46
C TYR A 258 23.69 -6.99 -15.65
N ALA A 259 23.97 -6.27 -14.57
CA ALA A 259 24.08 -4.82 -14.60
C ALA A 259 24.51 -4.35 -13.22
N GLU A 260 24.96 -3.09 -13.17
CA GLU A 260 25.32 -2.49 -11.87
C GLU A 260 24.45 -1.25 -11.67
N PHE A 261 23.77 -1.15 -10.53
CA PHE A 261 22.96 0.02 -10.24
C PHE A 261 23.81 1.28 -10.32
N ALA A 262 23.29 2.33 -10.96
CA ALA A 262 24.08 3.54 -11.17
C ALA A 262 23.53 4.79 -10.49
N GLY A 263 22.22 5.01 -10.51
CA GLY A 263 21.68 6.18 -9.87
C GLY A 263 20.16 6.12 -9.81
N TYR A 264 19.59 6.98 -8.97
CA TYR A 264 18.14 7.08 -8.85
C TYR A 264 17.77 8.51 -8.53
N GLY A 265 16.51 8.82 -8.74
CA GLY A 265 15.95 10.10 -8.34
C GLY A 265 14.50 9.93 -7.96
N GLU A 266 14.06 10.76 -7.01
CA GLU A 266 12.71 10.70 -6.45
C GLU A 266 12.23 12.11 -6.16
N SER A 267 10.98 12.38 -6.49
CA SER A 267 10.45 13.72 -6.28
C SER A 267 8.94 13.64 -6.20
N GLY A 268 8.34 14.75 -5.79
CA GLY A 268 6.90 14.91 -5.89
C GLY A 268 6.55 16.19 -6.62
N ASP A 269 5.45 16.12 -7.40
CA ASP A 269 4.97 17.31 -8.11
C ASP A 269 4.38 18.35 -7.15
N ALA A 270 3.71 17.90 -6.08
CA ALA A 270 2.90 18.78 -5.23
C ALA A 270 1.98 19.67 -6.08
N ASN A 271 1.33 19.07 -7.07
CA ASN A 271 0.52 19.84 -8.01
C ASN A 271 -0.92 19.35 -8.03
N HIS A 272 -1.20 18.20 -8.63
CA HIS A 272 -2.56 17.72 -8.83
C HIS A 272 -2.62 16.24 -8.49
N ILE A 273 -3.82 15.77 -8.11
CA ILE A 273 -3.92 14.42 -7.59
C ILE A 273 -3.81 13.37 -8.69
N THR A 274 -4.09 13.71 -9.96
CA THR A 274 -3.94 12.76 -11.07
C THR A 274 -3.17 13.32 -12.25
N ALA A 275 -3.19 14.63 -12.46
CA ALA A 275 -2.49 15.15 -13.62
C ALA A 275 -1.05 15.51 -13.27
N PRO A 276 -0.11 15.45 -14.21
CA PRO A 276 1.28 15.78 -13.89
C PRO A 276 1.47 17.28 -13.77
N ALA A 277 2.62 17.65 -13.18
CA ALA A 277 3.00 19.05 -13.09
C ALA A 277 3.14 19.65 -14.49
N PRO A 278 2.88 20.95 -14.63
CA PRO A 278 3.16 21.61 -15.92
C PRO A 278 4.61 21.37 -16.32
N GLU A 279 4.81 21.05 -17.60
CA GLU A 279 6.13 20.78 -18.16
C GLU A 279 6.78 19.54 -17.56
N GLY A 280 6.01 18.69 -16.89
CA GLY A 280 6.57 17.51 -16.23
C GLY A 280 7.71 17.86 -15.31
N GLU A 281 7.53 18.94 -14.54
CA GLU A 281 8.62 19.52 -13.77
C GLU A 281 9.13 18.54 -12.68
N GLY A 282 8.23 17.83 -12.02
CA GLY A 282 8.66 16.85 -11.03
C GLY A 282 9.42 15.69 -11.65
N ALA A 283 8.94 15.20 -12.80
CA ALA A 283 9.69 14.20 -13.56
C ALA A 283 11.06 14.73 -13.94
N PHE A 284 11.12 15.97 -14.41
CA PHE A 284 12.41 16.58 -14.75
C PHE A 284 13.37 16.44 -13.58
N ARG A 285 12.95 16.88 -12.40
CA ARG A 285 13.82 16.84 -11.22
C ARG A 285 14.24 15.42 -10.85
N ALA A 286 13.33 14.44 -10.95
CA ALA A 286 13.72 13.06 -10.61
C ALA A 286 14.74 12.53 -11.62
N MET A 287 14.49 12.78 -12.90
CA MET A 287 15.44 12.35 -13.91
C MET A 287 16.80 13.04 -13.72
N LYS A 288 16.79 14.33 -13.37
CA LYS A 288 18.02 15.07 -13.16
C LYS A 288 18.85 14.49 -12.03
N MET A 289 18.23 14.19 -10.89
CA MET A 289 18.98 13.63 -9.77
C MET A 289 19.55 12.28 -10.12
N ALA A 290 18.76 11.44 -10.79
CA ALA A 290 19.27 10.13 -11.22
C ALA A 290 20.46 10.30 -12.15
N LEU A 291 20.34 11.19 -13.13
CA LEU A 291 21.43 11.36 -14.09
C LEU A 291 22.70 11.88 -13.43
N GLU A 292 22.55 12.80 -12.47
CA GLU A 292 23.71 13.36 -11.80
C GLU A 292 24.31 12.39 -10.78
N MET A 293 23.52 11.49 -10.21
CA MET A 293 24.10 10.44 -9.39
C MET A 293 24.83 9.40 -10.25
N ALA A 294 24.25 9.02 -11.39
CA ALA A 294 24.82 7.94 -12.18
C ALA A 294 26.13 8.36 -12.88
N LYS A 295 26.19 9.60 -13.38
CA LYS A 295 27.36 10.11 -14.09
C LYS A 295 27.79 9.19 -15.24
N VAL A 296 26.82 8.69 -16.00
CA VAL A 296 27.10 7.84 -17.17
C VAL A 296 26.38 8.44 -18.38
N GLU A 297 26.69 7.87 -19.55
CA GLU A 297 25.98 8.27 -20.78
C GLU A 297 24.86 7.26 -21.01
N VAL A 298 23.61 7.70 -20.93
CA VAL A 298 22.44 6.82 -21.07
C VAL A 298 22.16 6.65 -22.56
N GLY A 299 22.06 5.40 -23.00
CA GLY A 299 21.87 5.12 -24.41
C GLY A 299 20.45 4.69 -24.76
N TYR A 300 19.62 4.48 -23.74
CA TYR A 300 18.25 4.06 -23.92
C TYR A 300 17.42 4.48 -22.72
N VAL A 301 16.23 5.01 -22.99
CA VAL A 301 15.27 5.38 -21.95
C VAL A 301 14.00 4.57 -22.16
N ASN A 302 13.63 3.76 -21.18
CA ASN A 302 12.30 3.15 -21.15
C ASN A 302 11.37 4.14 -20.44
N ALA A 303 10.56 4.84 -21.22
CA ALA A 303 9.68 5.89 -20.64
C ALA A 303 8.48 5.27 -19.92
N HIS A 304 7.86 6.01 -19.00
CA HIS A 304 6.59 5.54 -18.38
C HIS A 304 5.63 5.38 -19.56
N GLY A 305 5.39 6.47 -20.32
CA GLY A 305 4.63 6.33 -21.55
C GLY A 305 3.39 5.48 -21.52
N THR A 306 2.39 5.90 -20.74
CA THR A 306 1.20 5.07 -20.52
C THR A 306 0.18 5.13 -21.66
N SER A 307 0.32 6.06 -22.61
CA SER A 307 -0.59 6.27 -23.75
C SER A 307 -1.78 7.16 -23.39
N THR A 308 -1.71 7.88 -22.29
CA THR A 308 -2.66 8.98 -22.07
C THR A 308 -2.15 10.24 -22.75
N HIS A 309 -3.07 11.18 -22.95
CA HIS A 309 -2.69 12.46 -23.52
C HIS A 309 -1.67 13.18 -22.62
N TYR A 310 -2.00 13.35 -21.35
CA TYR A 310 -1.15 14.16 -20.44
C TYR A 310 0.23 13.54 -20.19
N ASN A 311 0.31 12.23 -19.93
CA ASN A 311 1.60 11.60 -19.52
C ASN A 311 2.65 11.58 -20.62
N ASP A 312 2.23 11.27 -21.85
CA ASP A 312 3.17 11.21 -22.95
C ASP A 312 3.66 12.61 -23.32
N LEU A 313 2.76 13.58 -23.31
CA LEU A 313 3.13 14.96 -23.60
C LEU A 313 4.16 15.47 -22.59
N TYR A 314 3.84 15.40 -21.30
CA TYR A 314 4.68 16.08 -20.33
C TYR A 314 5.94 15.29 -20.02
N GLU A 315 5.93 13.97 -20.23
CA GLU A 315 7.17 13.21 -20.15
C GLU A 315 8.13 13.59 -21.28
N SER A 316 7.60 13.82 -22.49
CA SER A 316 8.46 14.22 -23.60
C SER A 316 9.06 15.59 -23.35
N ILE A 317 8.25 16.52 -22.84
CA ILE A 317 8.77 17.84 -22.50
C ILE A 317 9.88 17.71 -21.45
N ALA A 318 9.62 16.95 -20.38
CA ALA A 318 10.62 16.80 -19.32
C ALA A 318 11.89 16.14 -19.83
N LEU A 319 11.75 15.10 -20.65
CA LEU A 319 12.92 14.47 -21.26
C LEU A 319 13.74 15.48 -22.03
N LYS A 320 13.08 16.24 -22.92
CA LYS A 320 13.76 17.24 -23.72
C LYS A 320 14.44 18.27 -22.82
N ASN A 321 13.78 18.64 -21.71
CA ASN A 321 14.39 19.62 -20.81
C ASN A 321 15.59 19.05 -20.05
N VAL A 322 15.60 17.76 -19.76
CA VAL A 322 16.68 17.24 -18.92
C VAL A 322 17.92 16.88 -19.74
N PHE A 323 17.74 16.40 -20.97
CA PHE A 323 18.91 16.13 -21.77
C PHE A 323 19.41 17.34 -22.54
N GLY A 324 18.59 18.39 -22.66
CA GLY A 324 19.05 19.65 -23.22
C GLY A 324 18.33 20.06 -24.49
N SER A 325 18.03 19.07 -25.33
CA SER A 325 17.35 19.32 -26.60
C SER A 325 16.80 17.99 -27.09
N LYS A 326 16.05 18.05 -28.20
CA LYS A 326 15.44 16.86 -28.76
C LYS A 326 16.49 15.89 -29.29
N GLU A 327 17.52 16.41 -29.97
CA GLU A 327 18.59 15.55 -30.46
C GLU A 327 19.40 14.96 -29.33
N LYS A 328 19.45 15.64 -28.19
CA LYS A 328 20.25 15.14 -27.07
C LYS A 328 19.49 14.11 -26.22
N VAL A 329 18.21 13.89 -26.49
CA VAL A 329 17.49 12.82 -25.82
C VAL A 329 17.91 11.48 -26.43
N PRO A 330 18.36 10.52 -25.63
CA PRO A 330 18.67 9.19 -26.15
C PRO A 330 17.44 8.56 -26.78
N PRO A 331 17.61 7.48 -27.54
CA PRO A 331 16.44 6.68 -27.95
C PRO A 331 15.57 6.36 -26.73
N VAL A 332 14.26 6.59 -26.88
CA VAL A 332 13.30 6.30 -25.83
C VAL A 332 12.22 5.41 -26.40
N SER A 333 11.82 4.42 -25.62
CA SER A 333 10.60 3.72 -25.96
C SER A 333 9.81 3.41 -24.70
N SER A 334 8.50 3.35 -24.88
CA SER A 334 7.58 2.78 -23.90
C SER A 334 7.11 1.43 -24.42
N THR A 335 7.22 0.41 -23.59
CA THR A 335 6.74 -0.91 -23.94
C THR A 335 5.30 -1.15 -23.49
N ALA A 336 4.61 -0.10 -23.07
CA ALA A 336 3.20 -0.21 -22.68
C ALA A 336 2.29 -0.50 -23.87
N GLY A 337 2.74 -0.22 -25.09
CA GLY A 337 1.97 -0.64 -26.25
C GLY A 337 1.86 -2.14 -26.33
N GLN A 338 2.95 -2.84 -25.97
CA GLN A 338 3.03 -4.29 -26.08
C GLN A 338 2.26 -5.02 -24.97
N ILE A 339 2.38 -4.55 -23.72
CA ILE A 339 1.89 -5.32 -22.58
C ILE A 339 0.90 -4.54 -21.73
N GLY A 340 0.46 -3.38 -22.20
CA GLY A 340 -0.36 -2.49 -21.39
C GLY A 340 0.46 -1.79 -20.33
N HIS A 341 -0.13 -0.76 -19.70
CA HIS A 341 0.51 -0.10 -18.53
C HIS A 341 0.14 -0.91 -17.28
N CYS A 342 1.13 -1.59 -16.67
CA CYS A 342 0.83 -2.51 -15.55
C CYS A 342 0.87 -1.81 -14.19
N LEU A 343 0.72 -0.49 -14.15
CA LEU A 343 0.58 0.23 -12.85
C LEU A 343 1.72 -0.13 -11.88
N GLY A 344 1.37 -0.49 -10.64
CA GLY A 344 2.39 -0.78 -9.61
C GLY A 344 3.53 -1.64 -10.11
N ALA A 345 3.23 -2.64 -10.94
CA ALA A 345 4.27 -3.53 -11.46
C ALA A 345 5.12 -2.89 -12.56
N ALA A 346 4.71 -1.73 -13.11
CA ALA A 346 5.31 -1.26 -14.36
C ALA A 346 6.81 -0.99 -14.20
N GLY A 347 7.20 -0.28 -13.13
CA GLY A 347 8.61 0.05 -12.95
C GLY A 347 9.50 -1.17 -12.81
N ALA A 348 8.99 -2.22 -12.15
CA ALA A 348 9.78 -3.45 -11.98
C ALA A 348 9.92 -4.20 -13.30
N LEU A 349 8.82 -4.37 -14.02
CA LEU A 349 8.84 -4.97 -15.35
C LEU A 349 9.77 -4.23 -16.28
N GLU A 350 9.68 -2.90 -16.26
CA GLU A 350 10.40 -2.07 -17.20
C GLU A 350 11.87 -1.94 -16.84
N ALA A 351 12.24 -2.18 -15.60
CA ALA A 351 13.67 -2.31 -15.29
C ALA A 351 14.23 -3.61 -15.87
N VAL A 352 13.46 -4.70 -15.80
CA VAL A 352 13.93 -5.96 -16.41
C VAL A 352 14.08 -5.78 -17.92
N ILE A 353 13.06 -5.20 -18.56
CA ILE A 353 13.10 -4.95 -20.00
C ILE A 353 14.31 -4.09 -20.35
N SER A 354 14.55 -3.03 -19.58
CA SER A 354 15.66 -2.12 -19.87
C SER A 354 17.00 -2.82 -19.76
N ILE A 355 17.18 -3.65 -18.73
CA ILE A 355 18.45 -4.35 -18.55
C ILE A 355 18.64 -5.36 -19.67
N MET A 356 17.58 -6.07 -20.03
CA MET A 356 17.67 -7.04 -21.10
C MET A 356 18.00 -6.37 -22.44
N ALA A 357 17.36 -5.24 -22.71
CA ALA A 357 17.72 -4.45 -23.88
C ALA A 357 19.20 -4.14 -23.92
N MET A 358 19.80 -3.78 -22.78
CA MET A 358 21.23 -3.51 -22.74
C MET A 358 22.05 -4.79 -22.89
N ASN A 359 21.65 -5.88 -22.22
CA ASN A 359 22.38 -7.14 -22.36
C ASN A 359 22.49 -7.58 -23.81
N GLN A 360 21.44 -7.35 -24.59
CA GLN A 360 21.35 -7.96 -25.91
C GLN A 360 21.60 -6.99 -27.03
N GLY A 361 21.85 -5.72 -26.74
CA GLY A 361 21.95 -4.72 -27.79
C GLY A 361 20.72 -4.63 -28.66
N ILE A 362 19.54 -4.81 -28.08
CA ILE A 362 18.26 -4.71 -28.78
C ILE A 362 17.35 -3.78 -28.00
N LEU A 363 17.00 -2.63 -28.59
CA LEU A 363 16.12 -1.68 -27.96
C LEU A 363 14.70 -1.92 -28.43
N PRO A 364 13.77 -2.29 -27.55
CA PRO A 364 12.42 -2.63 -27.99
C PRO A 364 11.71 -1.38 -28.52
N PRO A 365 10.75 -1.52 -29.46
CA PRO A 365 10.14 -0.34 -30.05
C PRO A 365 8.87 0.17 -29.37
N THR A 366 8.47 1.40 -29.67
CA THR A 366 7.15 1.90 -29.22
C THR A 366 6.22 1.51 -30.38
N ILE A 367 5.24 0.63 -30.14
CA ILE A 367 4.42 0.11 -31.26
C ILE A 367 3.25 1.02 -31.59
N ASN A 368 2.50 0.71 -32.68
CA ASN A 368 1.33 1.48 -33.08
C ASN A 368 1.66 2.95 -33.31
N GLN A 369 2.84 3.24 -33.85
CA GLN A 369 3.22 4.60 -34.24
C GLN A 369 2.69 4.85 -35.66
N GLU A 370 1.58 5.55 -35.77
CA GLU A 370 0.91 5.72 -37.06
C GLU A 370 0.74 7.17 -37.46
N THR A 371 0.70 8.10 -36.51
CA THR A 371 0.43 9.51 -36.78
C THR A 371 1.30 10.32 -35.83
N PRO A 372 2.38 10.91 -36.32
CA PRO A 372 3.26 11.67 -35.44
C PRO A 372 2.48 12.73 -34.68
N ASP A 373 2.82 12.87 -33.39
CA ASP A 373 2.20 13.94 -32.59
C ASP A 373 3.20 15.09 -32.58
N PRO A 374 2.88 16.25 -33.17
CA PRO A 374 3.86 17.35 -33.24
C PRO A 374 4.41 17.74 -31.90
N GLU A 375 3.60 17.55 -30.84
CA GLU A 375 4.06 17.87 -29.46
C GLU A 375 4.92 16.73 -28.92
N CYS A 376 4.85 15.54 -29.54
CA CYS A 376 5.62 14.37 -29.10
C CYS A 376 6.64 14.04 -30.19
N ASP A 377 7.74 14.79 -30.21
CA ASP A 377 8.67 14.70 -31.32
C ASP A 377 10.05 14.20 -30.89
N LEU A 378 10.10 13.14 -30.09
CA LEU A 378 11.35 12.48 -29.79
C LEU A 378 11.53 11.25 -30.68
N ASP A 379 12.68 10.60 -30.56
CA ASP A 379 12.97 9.34 -31.24
C ASP A 379 12.42 8.21 -30.37
N TYR A 380 11.23 7.71 -30.71
CA TYR A 380 10.54 6.72 -29.89
C TYR A 380 10.78 5.30 -30.35
N ILE A 381 11.81 5.05 -31.14
CA ILE A 381 12.08 3.74 -31.73
C ILE A 381 10.81 3.20 -32.37
N PRO A 382 10.20 3.93 -33.32
CA PRO A 382 8.88 3.53 -33.85
C PRO A 382 8.69 2.18 -34.55
N ASN A 383 7.72 1.37 -34.09
CA ASN A 383 7.30 0.13 -34.80
C ASN A 383 8.30 -1.05 -34.77
N ALA A 384 9.60 -0.84 -34.81
CA ALA A 384 10.53 -1.96 -34.91
C ALA A 384 11.74 -1.75 -34.03
N ALA A 385 12.24 -2.84 -33.46
CA ALA A 385 13.35 -2.79 -32.54
C ALA A 385 14.62 -2.29 -33.22
N ARG A 386 15.45 -1.62 -32.42
CA ARG A 386 16.68 -0.98 -32.90
C ARG A 386 17.86 -1.76 -32.32
N GLU A 387 18.61 -2.44 -33.19
CA GLU A 387 19.86 -3.07 -32.79
C GLU A 387 20.90 -1.99 -32.52
N LYS A 388 21.20 -1.77 -31.24
CA LYS A 388 22.16 -0.75 -30.83
C LYS A 388 22.66 -1.15 -29.46
N GLN A 389 23.99 -1.12 -29.31
CA GLN A 389 24.61 -1.43 -27.99
C GLN A 389 24.62 -0.14 -27.16
N VAL A 390 24.20 -0.25 -25.91
CA VAL A 390 24.17 0.90 -25.01
C VAL A 390 24.93 0.51 -23.74
N ASP A 391 25.42 1.54 -23.03
CA ASP A 391 26.26 1.32 -21.83
C ASP A 391 25.44 1.56 -20.54
N ALA A 392 24.26 2.18 -20.64
CA ALA A 392 23.43 2.46 -19.48
C ALA A 392 22.00 2.71 -19.94
N VAL A 393 21.05 2.40 -19.07
CA VAL A 393 19.62 2.54 -19.39
C VAL A 393 18.92 3.25 -18.23
N MET A 394 17.91 4.05 -18.57
CA MET A 394 17.15 4.76 -17.57
C MET A 394 15.68 4.38 -17.69
N SER A 395 15.02 4.16 -16.55
CA SER A 395 13.60 3.82 -16.53
C SER A 395 12.86 4.81 -15.62
N ASN A 396 11.77 5.41 -16.12
CA ASN A 396 10.96 6.41 -15.42
C ASN A 396 9.62 5.81 -14.99
N SER A 397 9.12 6.26 -13.83
CA SER A 397 7.79 5.89 -13.35
C SER A 397 7.19 7.08 -12.63
N PHE A 398 5.92 7.38 -12.92
CA PHE A 398 5.17 8.42 -12.22
C PHE A 398 3.82 7.87 -11.79
N GLY A 399 3.31 8.39 -10.67
CA GLY A 399 2.06 7.89 -10.12
C GLY A 399 1.15 9.01 -9.67
N PHE A 400 -0.13 8.62 -9.51
CA PHE A 400 -1.14 9.53 -8.93
C PHE A 400 -0.55 10.10 -7.64
N GLY A 401 -0.96 11.30 -7.27
CA GLY A 401 -0.35 12.01 -6.19
C GLY A 401 0.93 12.71 -6.56
N GLY A 402 1.32 12.69 -7.84
CA GLY A 402 2.50 13.37 -8.29
C GLY A 402 3.81 12.79 -7.79
N THR A 403 3.86 11.48 -7.50
CA THR A 403 5.08 10.86 -7.02
C THR A 403 5.87 10.29 -8.20
N ASN A 404 7.17 10.59 -8.24
CA ASN A 404 8.03 10.23 -9.36
C ASN A 404 9.24 9.43 -8.89
N GLY A 405 9.61 8.42 -9.68
CA GLY A 405 10.83 7.67 -9.41
C GLY A 405 11.55 7.32 -10.70
N VAL A 406 12.89 7.39 -10.69
CA VAL A 406 13.72 7.11 -11.86
C VAL A 406 14.89 6.25 -11.41
N VAL A 407 15.26 5.25 -12.21
CA VAL A 407 16.45 4.45 -11.93
C VAL A 407 17.31 4.33 -13.19
N ILE A 408 18.62 4.30 -12.98
CA ILE A 408 19.58 4.07 -14.04
C ILE A 408 20.42 2.86 -13.66
N PHE A 409 20.59 1.94 -14.62
CA PHE A 409 21.48 0.80 -14.51
C PHE A 409 22.53 0.89 -15.62
N LYS A 410 23.78 0.53 -15.30
CA LYS A 410 24.87 0.60 -16.26
C LYS A 410 25.48 -0.77 -16.48
N LYS A 411 26.17 -0.86 -17.62
CA LYS A 411 26.82 -2.13 -18.02
C LYS A 411 27.73 -2.63 -16.90
N ALA A 412 27.88 -3.95 -16.81
CA ALA A 412 28.68 -4.57 -15.77
C ALA A 412 30.19 -4.52 -16.03
N MET B 1 26.83 9.36 10.27
CA MET B 1 25.97 9.84 9.16
C MET B 1 25.40 11.22 9.53
N ARG B 2 24.52 11.76 8.69
CA ARG B 2 23.86 13.06 9.01
C ARG B 2 23.01 12.87 10.27
N ARG B 3 22.92 13.88 11.12
CA ARG B 3 22.16 13.71 12.37
C ARG B 3 20.74 14.17 12.09
N ILE B 4 19.74 13.59 12.79
CA ILE B 4 18.34 13.84 12.46
C ILE B 4 17.55 14.11 13.73
N VAL B 5 16.71 15.15 13.70
CA VAL B 5 15.91 15.52 14.85
C VAL B 5 14.44 15.63 14.49
N VAL B 6 13.59 15.44 15.49
CA VAL B 6 12.16 15.68 15.37
C VAL B 6 11.89 17.11 15.80
N THR B 7 11.28 17.90 14.92
CA THR B 7 11.08 19.31 15.18
C THR B 7 9.60 19.70 15.20
N GLY B 8 8.70 18.76 14.99
CA GLY B 8 7.27 19.04 14.98
C GLY B 8 6.49 17.75 15.05
N MET B 9 5.35 17.78 15.74
CA MET B 9 4.64 16.53 16.01
C MET B 9 3.15 16.80 16.00
N GLY B 10 2.37 15.80 15.62
CA GLY B 10 0.93 15.91 15.64
C GLY B 10 0.30 14.54 15.72
N MET B 11 -0.92 14.49 16.26
CA MET B 11 -1.61 13.21 16.28
C MET B 11 -3.08 13.45 16.61
N ILE B 12 -3.90 12.51 16.14
CA ILE B 12 -5.35 12.49 16.39
C ILE B 12 -5.75 11.03 16.51
N ASN B 13 -6.56 10.73 17.51
CA ASN B 13 -6.95 9.35 17.78
C ASN B 13 -8.26 9.37 18.58
N SER B 14 -8.67 8.23 19.13
CA SER B 14 -9.97 8.22 19.79
C SER B 14 -9.95 8.92 21.15
N LEU B 15 -8.82 9.48 21.58
CA LEU B 15 -8.76 10.20 22.84
C LEU B 15 -8.36 11.66 22.70
N GLY B 16 -8.19 12.17 21.49
CA GLY B 16 -7.94 13.60 21.33
C GLY B 16 -7.74 13.98 19.88
N LEU B 17 -8.02 15.25 19.60
CA LEU B 17 -7.89 15.83 18.27
C LEU B 17 -6.52 16.43 18.02
N ASN B 18 -5.65 16.45 19.02
CA ASN B 18 -4.31 17.01 18.92
C ASN B 18 -3.45 16.25 19.92
N LYS B 19 -2.13 16.47 19.86
CA LYS B 19 -1.24 15.64 20.66
C LYS B 19 -1.32 15.98 22.16
N GLU B 20 -1.64 17.23 22.50
CA GLU B 20 -1.70 17.64 23.91
C GLU B 20 -2.86 16.95 24.62
N ASP B 21 -4.09 17.16 24.13
CA ASP B 21 -5.23 16.50 24.74
C ASP B 21 -5.08 14.98 24.70
N SER B 22 -4.63 14.45 23.57
CA SER B 22 -4.55 13.01 23.40
C SER B 22 -3.57 12.39 24.39
N PHE B 23 -2.35 12.92 24.45
CA PHE B 23 -1.37 12.32 25.35
C PHE B 23 -1.82 12.42 26.81
N LEU B 24 -2.35 13.58 27.21
CA LEU B 24 -2.84 13.72 28.58
C LEU B 24 -3.84 12.62 28.92
N ALA B 25 -4.83 12.41 28.05
CA ALA B 25 -5.84 11.38 28.31
C ALA B 25 -5.22 9.99 28.33
N ILE B 26 -4.17 9.79 27.51
CA ILE B 26 -3.50 8.50 27.49
C ILE B 26 -2.69 8.29 28.75
N ALA B 27 -1.98 9.33 29.19
CA ALA B 27 -1.21 9.17 30.42
C ALA B 27 -2.14 9.02 31.61
N LYS B 28 -3.30 9.67 31.57
CA LYS B 28 -4.32 9.48 32.59
C LYS B 28 -4.95 8.09 32.56
N GLY B 29 -4.67 7.29 31.53
CA GLY B 29 -5.26 5.96 31.49
C GLY B 29 -6.72 5.93 31.12
N GLU B 30 -7.11 6.99 30.40
CA GLU B 30 -8.47 7.04 29.83
C GLU B 30 -8.55 6.10 28.61
N CYS B 31 -9.73 5.87 28.06
CA CYS B 31 -9.94 4.87 27.03
C CYS B 31 -10.96 5.37 26.03
N GLY B 32 -10.59 5.43 24.77
CA GLY B 32 -11.45 5.95 23.74
C GLY B 32 -12.24 4.92 22.99
N ILE B 33 -12.14 3.64 23.36
CA ILE B 33 -12.90 2.61 22.69
C ILE B 33 -14.37 2.74 23.07
N LYS B 34 -15.25 2.84 22.05
CA LYS B 34 -16.71 3.04 22.19
C LYS B 34 -17.47 2.00 21.39
N HIS B 35 -18.77 1.88 21.61
CA HIS B 35 -19.63 1.09 20.73
C HIS B 35 -19.63 1.70 19.33
N ILE B 36 -19.56 0.84 18.31
CA ILE B 36 -19.42 1.33 16.94
C ILE B 36 -20.65 2.11 16.53
N GLU B 37 -20.43 3.31 16.02
CA GLU B 37 -21.52 4.12 15.49
C GLU B 37 -21.33 4.53 14.04
N SER B 38 -20.11 4.43 13.50
CA SER B 38 -19.91 4.89 12.14
C SER B 38 -20.63 4.02 11.12
N PHE B 39 -20.97 2.79 11.49
CA PHE B 39 -21.87 1.99 10.67
C PHE B 39 -22.73 1.13 11.58
N ASP B 40 -23.78 0.54 11.02
CA ASP B 40 -24.68 -0.35 11.75
C ASP B 40 -23.97 -1.68 11.97
N ALA B 41 -23.46 -1.88 13.18
CA ALA B 41 -22.75 -3.09 13.54
C ALA B 41 -23.62 -4.04 14.37
N SER B 42 -24.94 -3.82 14.39
CA SER B 42 -25.82 -4.56 15.29
C SER B 42 -25.79 -6.07 15.00
N ALA B 43 -25.62 -6.46 13.74
CA ALA B 43 -25.56 -7.88 13.40
C ALA B 43 -24.15 -8.46 13.45
N PHE B 44 -23.15 -7.68 13.97
CA PHE B 44 -21.75 -8.08 13.86
C PHE B 44 -21.27 -8.77 15.14
N PRO B 45 -20.34 -9.73 15.03
CA PRO B 45 -19.78 -10.32 16.24
C PRO B 45 -18.92 -9.36 17.04
N VAL B 46 -18.40 -8.31 16.42
CA VAL B 46 -17.62 -7.28 17.10
C VAL B 46 -18.31 -5.94 16.85
N ARG B 47 -18.61 -5.22 17.93
CA ARG B 47 -19.41 -4.01 17.85
C ARG B 47 -18.74 -2.84 18.58
N ILE B 48 -17.44 -2.96 18.86
CA ILE B 48 -16.66 -1.92 19.52
C ILE B 48 -15.44 -1.60 18.66
N ALA B 49 -14.90 -0.41 18.86
CA ALA B 49 -13.73 0.11 18.12
C ALA B 49 -13.31 1.43 18.73
N GLY B 50 -12.05 1.79 18.48
CA GLY B 50 -11.56 3.11 18.80
C GLY B 50 -12.00 4.15 17.78
N GLU B 51 -13.25 4.62 17.87
CA GLU B 51 -13.79 5.60 16.94
C GLU B 51 -13.51 7.01 17.43
N ILE B 52 -13.17 7.90 16.49
CA ILE B 52 -13.11 9.33 16.76
C ILE B 52 -14.49 9.92 16.47
N THR B 53 -15.17 10.40 17.50
CA THR B 53 -16.52 10.90 17.32
C THR B 53 -16.59 12.41 17.14
N ASP B 54 -15.50 13.14 17.38
CA ASP B 54 -15.51 14.60 17.31
C ASP B 54 -14.69 15.15 16.13
N PHE B 55 -14.32 14.32 15.15
CA PHE B 55 -13.52 14.82 14.03
C PHE B 55 -14.43 15.40 12.94
N ASP B 56 -14.13 16.61 12.52
CA ASP B 56 -14.86 17.27 11.44
C ASP B 56 -13.92 17.49 10.26
N PRO B 57 -14.11 16.79 9.14
CA PRO B 57 -13.21 16.98 7.99
C PRO B 57 -13.21 18.39 7.43
N THR B 58 -14.33 19.10 7.50
CA THR B 58 -14.37 20.42 6.89
C THR B 58 -13.51 21.43 7.63
N GLU B 59 -12.93 21.05 8.76
CA GLU B 59 -11.98 21.91 9.47
C GLU B 59 -10.56 21.78 8.93
N VAL B 60 -10.25 20.72 8.19
CA VAL B 60 -8.91 20.55 7.62
C VAL B 60 -8.90 20.77 6.11
N MET B 61 -10.05 20.74 5.44
CA MET B 61 -10.08 20.95 4.00
C MET B 61 -11.42 21.58 3.64
N ASN B 62 -11.46 22.25 2.48
CA ASN B 62 -12.70 22.90 2.08
C ASN B 62 -13.77 21.85 1.75
N PRO B 63 -15.04 22.19 1.94
CA PRO B 63 -16.11 21.18 1.77
C PRO B 63 -16.07 20.49 0.42
N LYS B 64 -15.66 21.20 -0.64
CA LYS B 64 -15.67 20.63 -2.01
C LYS B 64 -14.70 19.45 -2.09
N ASP B 65 -13.67 19.49 -1.27
CA ASP B 65 -12.62 18.49 -1.39
C ASP B 65 -12.81 17.28 -0.48
N VAL B 66 -13.69 17.39 0.53
CA VAL B 66 -13.86 16.30 1.49
C VAL B 66 -14.19 14.99 0.79
N LYS B 67 -14.96 15.10 -0.29
CA LYS B 67 -15.45 13.95 -1.09
C LYS B 67 -14.30 13.26 -1.81
N LYS B 68 -13.19 13.94 -1.91
CA LYS B 68 -12.08 13.45 -2.71
C LYS B 68 -11.07 12.62 -1.91
N ALA B 69 -11.23 12.53 -0.60
CA ALA B 69 -10.24 11.93 0.28
C ALA B 69 -10.90 10.96 1.24
N GLY B 70 -10.36 9.74 1.35
CA GLY B 70 -10.83 8.82 2.36
C GLY B 70 -10.61 9.36 3.76
N ARG B 71 -11.34 8.79 4.71
CA ARG B 71 -11.23 9.23 6.10
C ARG B 71 -9.79 9.17 6.62
N PHE B 72 -9.03 8.12 6.26
CA PHE B 72 -7.64 8.06 6.70
C PHE B 72 -6.82 9.24 6.19
N ILE B 73 -7.11 9.73 4.97
CA ILE B 73 -6.41 10.91 4.48
C ILE B 73 -6.87 12.17 5.20
N GLN B 74 -8.17 12.28 5.51
CA GLN B 74 -8.66 13.42 6.30
C GLN B 74 -7.96 13.48 7.64
N LEU B 75 -7.86 12.35 8.33
CA LEU B 75 -7.15 12.31 9.61
C LEU B 75 -5.68 12.67 9.44
N ALA B 76 -5.07 12.23 8.32
CA ALA B 76 -3.67 12.54 8.06
C ALA B 76 -3.47 14.03 7.82
N LEU B 77 -4.37 14.67 7.05
CA LEU B 77 -4.30 16.11 6.85
C LEU B 77 -4.42 16.87 8.17
N LYS B 78 -5.28 16.37 9.07
CA LYS B 78 -5.38 16.94 10.40
C LYS B 78 -4.06 16.82 11.14
N ALA B 79 -3.51 15.61 11.19
CA ALA B 79 -2.31 15.38 11.98
C ALA B 79 -1.12 16.12 11.39
N THR B 80 -0.98 16.12 10.07
CA THR B 80 0.20 16.76 9.49
C THR B 80 0.11 18.28 9.59
N ARG B 81 -1.09 18.85 9.42
CA ARG B 81 -1.23 20.28 9.62
C ARG B 81 -0.77 20.69 11.01
N GLU B 82 -1.21 19.94 12.02
CA GLU B 82 -0.75 20.22 13.39
C GLU B 82 0.78 20.16 13.47
N ALA B 83 1.37 19.09 12.94
CA ALA B 83 2.82 18.92 13.02
C ALA B 83 3.55 19.97 12.21
N MET B 84 3.04 20.33 11.03
CA MET B 84 3.69 21.34 10.20
C MET B 84 3.61 22.72 10.85
N LYS B 85 2.49 23.06 11.47
CA LYS B 85 2.45 24.35 12.20
C LYS B 85 3.39 24.27 13.40
N ASP B 86 3.23 23.24 14.22
CA ASP B 86 4.09 23.09 15.40
C ASP B 86 5.56 23.27 15.03
N SER B 87 5.98 22.77 13.87
CA SER B 87 7.39 22.84 13.50
C SER B 87 7.82 24.27 13.20
N GLY B 88 6.88 25.17 12.98
CA GLY B 88 7.22 26.54 12.67
C GLY B 88 7.79 26.74 11.28
N ILE B 89 7.68 25.74 10.40
CA ILE B 89 8.31 25.85 9.09
C ILE B 89 7.45 26.58 8.06
N LEU B 90 6.14 26.69 8.27
CA LEU B 90 5.26 27.22 7.23
C LEU B 90 5.45 28.72 7.04
N ASP B 91 5.31 29.17 5.79
CA ASP B 91 5.46 30.59 5.47
C ASP B 91 4.14 31.30 5.77
N ALA B 92 4.03 32.57 5.34
CA ALA B 92 2.85 33.38 5.63
C ALA B 92 1.58 32.79 5.02
N HIS B 93 1.69 31.73 4.23
CA HIS B 93 0.57 31.20 3.46
C HIS B 93 0.40 29.72 3.75
N ASN B 94 1.02 29.27 4.83
CA ASN B 94 0.87 27.91 5.35
C ASN B 94 1.38 26.88 4.35
N ARG B 95 2.44 27.26 3.64
CA ARG B 95 3.18 26.39 2.74
C ARG B 95 4.64 26.35 3.16
N CYS B 96 5.30 25.27 2.78
CA CYS B 96 6.74 25.19 2.89
C CYS B 96 7.34 26.26 1.99
N PRO B 97 8.31 27.05 2.48
CA PRO B 97 8.94 28.07 1.64
C PRO B 97 9.50 27.44 0.37
N GLU B 98 9.37 28.15 -0.76
CA GLU B 98 9.77 27.54 -2.06
C GLU B 98 11.23 27.10 -2.04
N GLU B 99 12.13 27.91 -1.48
CA GLU B 99 13.57 27.57 -1.57
C GLU B 99 13.87 26.27 -0.81
N LEU B 100 12.97 25.85 0.07
CA LEU B 100 13.15 24.61 0.81
C LEU B 100 12.28 23.47 0.29
N ALA B 101 11.34 23.76 -0.61
CA ALA B 101 10.29 22.81 -0.97
C ALA B 101 10.86 21.59 -1.67
N ASN B 102 11.85 21.78 -2.55
CA ASN B 102 12.43 20.68 -3.31
C ASN B 102 13.16 19.67 -2.42
N ARG B 103 13.57 20.06 -1.22
CA ARG B 103 14.36 19.22 -0.34
C ARG B 103 13.57 18.77 0.88
N MET B 104 12.26 18.96 0.87
CA MET B 104 11.37 18.43 1.89
C MET B 104 10.45 17.44 1.22
N GLY B 105 10.49 16.19 1.68
CA GLY B 105 9.60 15.17 1.16
C GLY B 105 8.58 14.73 2.19
N VAL B 106 7.86 13.69 1.85
CA VAL B 106 6.86 13.10 2.73
C VAL B 106 6.99 11.58 2.64
N SER B 107 6.93 10.92 3.79
CA SER B 107 6.90 9.46 3.90
C SER B 107 5.61 9.10 4.63
N SER B 108 4.70 8.44 3.94
CA SER B 108 3.39 8.15 4.50
C SER B 108 3.26 6.64 4.73
N GLY B 109 2.43 6.29 5.70
CA GLY B 109 2.18 4.90 6.00
C GLY B 109 0.71 4.61 6.21
N SER B 110 0.24 3.49 5.65
CA SER B 110 -1.05 2.92 5.99
C SER B 110 -1.02 1.45 5.60
N GLY B 111 -1.92 0.68 6.22
CA GLY B 111 -2.07 -0.75 5.91
C GLY B 111 -2.94 -1.00 4.69
N ILE B 112 -4.13 -0.39 4.63
CA ILE B 112 -5.07 -0.63 3.50
C ILE B 112 -5.57 0.70 2.91
N GLY B 113 -5.42 1.82 3.62
CA GLY B 113 -5.91 3.07 3.08
C GLY B 113 -7.43 3.13 3.10
N GLY B 114 -8.03 3.54 1.98
CA GLY B 114 -9.45 3.83 1.96
C GLY B 114 -10.35 2.61 1.78
N LEU B 115 -10.29 1.68 2.72
CA LEU B 115 -11.08 0.42 2.61
C LEU B 115 -12.58 0.75 2.44
N GLY B 116 -13.12 1.64 3.28
CA GLY B 116 -14.52 1.97 3.16
C GLY B 116 -14.90 2.46 1.77
N ASN B 117 -13.99 3.20 1.13
CA ASN B 117 -14.26 3.72 -0.22
C ASN B 117 -14.20 2.61 -1.27
N ILE B 118 -13.28 1.66 -1.11
CA ILE B 118 -13.20 0.52 -2.06
C ILE B 118 -14.48 -0.31 -1.88
N GLU B 119 -14.90 -0.50 -0.64
CA GLU B 119 -16.09 -1.28 -0.35
C GLU B 119 -17.32 -0.64 -0.96
N ALA B 120 -17.49 0.67 -0.76
CA ALA B 120 -18.65 1.39 -1.30
C ALA B 120 -18.70 1.28 -2.82
N ASN B 121 -17.57 1.55 -3.47
CA ASN B 121 -17.62 1.58 -4.93
C ASN B 121 -17.73 0.16 -5.49
N SER B 122 -17.23 -0.85 -4.76
CA SER B 122 -17.42 -2.23 -5.18
C SER B 122 -18.89 -2.59 -5.21
N ILE B 123 -19.65 -2.12 -4.20
CA ILE B 123 -21.08 -2.36 -4.13
C ILE B 123 -21.82 -1.55 -5.18
N PHE B 124 -21.43 -0.29 -5.36
CA PHE B 124 -22.05 0.53 -6.43
C PHE B 124 -21.91 -0.21 -7.76
N CYS B 125 -20.70 -0.70 -8.05
CA CYS B 125 -20.47 -1.39 -9.31
C CYS B 125 -21.20 -2.72 -9.34
N PHE B 126 -21.39 -3.35 -8.19
CA PHE B 126 -22.18 -4.57 -8.10
C PHE B 126 -23.69 -4.29 -7.95
N GLU B 127 -24.16 -3.08 -8.14
CA GLU B 127 -25.61 -3.01 -8.08
C GLU B 127 -26.15 -2.26 -9.29
N LYS B 128 -25.41 -1.25 -9.73
CA LYS B 128 -25.87 -0.38 -10.79
C LYS B 128 -24.93 -0.34 -11.98
N GLY B 129 -23.86 -1.13 -11.98
CA GLY B 129 -22.92 -1.15 -13.09
C GLY B 129 -21.76 -0.17 -12.92
N PRO B 130 -20.80 -0.24 -13.83
CA PRO B 130 -19.60 0.61 -13.71
C PRO B 130 -19.88 2.11 -13.85
N ARG B 131 -21.02 2.49 -14.42
CA ARG B 131 -21.23 3.95 -14.58
C ARG B 131 -21.49 4.58 -13.21
N LYS B 132 -21.70 3.75 -12.17
CA LYS B 132 -21.99 4.25 -10.86
C LYS B 132 -20.76 4.35 -9.96
N VAL B 133 -19.57 4.08 -10.50
CA VAL B 133 -18.34 4.22 -9.73
C VAL B 133 -17.94 5.69 -9.75
N ASN B 134 -17.81 6.28 -8.57
CA ASN B 134 -17.51 7.71 -8.49
C ASN B 134 -16.12 7.99 -9.07
N PRO B 135 -15.98 9.05 -9.86
CA PRO B 135 -14.63 9.42 -10.36
C PRO B 135 -13.63 9.67 -9.25
N PHE B 136 -14.06 10.01 -8.03
CA PHE B 136 -13.07 10.33 -6.97
C PHE B 136 -12.70 9.05 -6.20
N PHE B 137 -13.21 7.90 -6.61
CA PHE B 137 -12.93 6.63 -5.88
C PHE B 137 -11.43 6.35 -5.75
N ILE B 138 -10.72 6.21 -6.87
CA ILE B 138 -9.30 5.75 -6.79
C ILE B 138 -8.45 6.67 -5.92
N THR B 139 -8.45 7.97 -6.23
CA THR B 139 -7.56 8.85 -5.49
C THR B 139 -8.04 9.09 -4.06
N SER B 140 -9.26 8.69 -3.72
CA SER B 140 -9.67 8.74 -2.33
C SER B 140 -9.18 7.53 -1.54
N ALA B 141 -8.77 6.45 -2.22
CA ALA B 141 -8.46 5.17 -1.52
C ALA B 141 -6.99 4.76 -1.50
N LEU B 142 -6.18 5.23 -2.44
CA LEU B 142 -4.81 4.75 -2.54
C LEU B 142 -4.00 5.22 -1.34
N VAL B 143 -3.21 4.31 -0.76
CA VAL B 143 -2.47 4.63 0.46
C VAL B 143 -1.55 5.84 0.25
N ASN B 144 -0.90 5.94 -0.92
CA ASN B 144 0.08 7.02 -1.13
C ASN B 144 -0.58 8.36 -1.34
N MET B 145 -1.90 8.40 -1.52
CA MET B 145 -2.60 9.66 -1.57
C MET B 145 -2.54 10.42 -0.23
N ILE B 146 -2.11 9.78 0.86
CA ILE B 146 -1.71 10.56 2.04
C ILE B 146 -0.60 11.52 1.67
N GLY B 147 0.50 10.98 1.12
CA GLY B 147 1.55 11.84 0.59
C GLY B 147 1.07 12.72 -0.55
N GLY B 148 0.11 12.23 -1.35
CA GLY B 148 -0.44 13.02 -2.42
C GLY B 148 -1.10 14.31 -1.95
N PHE B 149 -2.13 14.19 -1.10
CA PHE B 149 -2.85 15.37 -0.61
C PHE B 149 -1.97 16.24 0.28
N THR B 150 -1.15 15.63 1.14
CA THR B 150 -0.33 16.45 2.04
C THR B 150 0.72 17.22 1.26
N SER B 151 1.33 16.60 0.25
CA SER B 151 2.36 17.34 -0.49
C SER B 151 1.75 18.52 -1.23
N ILE B 152 0.53 18.37 -1.78
CA ILE B 152 -0.13 19.49 -2.45
C ILE B 152 -0.51 20.56 -1.43
N GLU B 153 -0.94 20.13 -0.24
CA GLU B 153 -1.40 21.07 0.79
C GLU B 153 -0.27 21.94 1.33
N PHE B 154 0.93 21.40 1.48
CA PHE B 154 2.07 22.14 2.02
C PHE B 154 3.12 22.48 0.96
N GLY B 155 2.90 22.11 -0.29
CA GLY B 155 3.86 22.42 -1.35
C GLY B 155 5.23 21.81 -1.15
N ILE B 156 5.29 20.56 -0.70
CA ILE B 156 6.58 19.92 -0.49
C ILE B 156 6.84 18.97 -1.65
N LYS B 157 8.01 19.09 -2.24
CA LYS B 157 8.29 18.51 -3.55
C LYS B 157 9.44 17.52 -3.51
N GLY B 158 9.97 17.20 -2.32
CA GLY B 158 10.98 16.18 -2.18
C GLY B 158 10.44 14.77 -2.38
N PRO B 159 11.25 13.76 -2.06
CA PRO B 159 10.81 12.36 -2.24
C PRO B 159 9.46 12.11 -1.59
N ASN B 160 8.59 11.43 -2.33
CA ASN B 160 7.20 11.22 -1.93
C ASN B 160 6.99 9.70 -1.86
N LEU B 161 7.08 9.15 -0.66
CA LEU B 161 7.22 7.72 -0.45
C LEU B 161 6.11 7.19 0.43
N SER B 162 5.81 5.91 0.29
CA SER B 162 4.68 5.36 1.01
C SER B 162 4.96 3.91 1.38
N SER B 163 4.84 3.59 2.66
CA SER B 163 5.02 2.25 3.19
C SER B 163 3.66 1.59 3.46
N VAL B 164 3.55 0.30 3.12
CA VAL B 164 2.27 -0.40 3.27
C VAL B 164 2.50 -1.74 3.97
N THR B 165 3.42 -1.77 4.93
CA THR B 165 3.74 -3.01 5.63
C THR B 165 2.80 -3.25 6.82
N ALA B 166 1.51 -3.34 6.50
CA ALA B 166 0.48 -3.78 7.44
C ALA B 166 0.59 -3.01 8.75
N CYS B 167 0.64 -3.72 9.88
CA CYS B 167 0.56 -3.01 11.21
C CYS B 167 1.89 -2.31 11.55
N ALA B 168 2.89 -2.55 10.72
CA ALA B 168 4.18 -1.94 10.99
C ALA B 168 4.45 -0.73 10.06
N ALA B 169 3.44 -0.36 9.25
CA ALA B 169 3.63 0.69 8.25
C ALA B 169 4.04 2.02 8.88
N GLY B 170 3.40 2.41 10.00
CA GLY B 170 3.72 3.70 10.59
C GLY B 170 5.16 3.81 11.03
N THR B 171 5.76 2.69 11.41
CA THR B 171 7.16 2.66 11.84
C THR B 171 8.09 2.61 10.65
N HIS B 172 7.74 1.82 9.64
CA HIS B 172 8.54 1.81 8.42
C HIS B 172 8.48 3.16 7.71
N ALA B 173 7.38 3.91 7.84
CA ALA B 173 7.34 5.23 7.24
C ALA B 173 8.39 6.16 7.88
N ILE B 174 8.58 6.04 9.20
CA ILE B 174 9.63 6.81 9.86
C ILE B 174 11.00 6.41 9.32
N ILE B 175 11.23 5.10 9.19
CA ILE B 175 12.55 4.60 8.84
C ILE B 175 12.91 4.97 7.41
N GLU B 176 11.97 4.82 6.48
CA GLU B 176 12.23 5.22 5.11
C GLU B 176 12.57 6.71 5.04
N ALA B 177 11.92 7.52 5.86
CA ALA B 177 12.25 8.95 5.93
C ALA B 177 13.68 9.15 6.45
N VAL B 178 14.05 8.43 7.52
CA VAL B 178 15.41 8.51 8.05
C VAL B 178 16.42 8.12 6.97
N LYS B 179 16.23 7.02 6.26
CA LYS B 179 17.10 6.52 5.16
C LYS B 179 17.27 7.60 4.12
N THR B 180 16.20 8.29 3.84
CA THR B 180 16.28 9.27 2.76
C THR B 180 17.14 10.46 3.16
N ILE B 181 16.98 10.95 4.39
CA ILE B 181 17.81 12.04 4.86
C ILE B 181 19.26 11.58 5.01
N LEU B 182 19.48 10.41 5.62
CA LEU B 182 20.82 9.88 5.77
C LEU B 182 21.56 9.83 4.43
N LEU B 183 20.88 9.42 3.36
CA LEU B 183 21.56 9.34 2.08
C LEU B 183 21.53 10.65 1.32
N ASN B 184 21.16 11.75 1.98
CA ASN B 184 21.16 13.09 1.40
C ASN B 184 20.14 13.24 0.29
N GLY B 185 19.07 12.42 0.31
CA GLY B 185 17.99 12.59 -0.63
C GLY B 185 17.01 13.66 -0.25
N ALA B 186 17.14 14.17 0.98
CA ALA B 186 16.30 15.24 1.47
C ALA B 186 16.97 15.83 2.69
N ASP B 187 16.56 17.05 3.03
CA ASP B 187 16.97 17.64 4.29
C ASP B 187 15.89 17.54 5.36
N ARG B 188 14.65 17.34 4.95
CA ARG B 188 13.53 17.24 5.89
C ARG B 188 12.50 16.30 5.30
N MET B 189 11.77 15.61 6.17
CA MET B 189 10.69 14.74 5.73
C MET B 189 9.51 14.91 6.68
N LEU B 190 8.33 15.15 6.10
CA LEU B 190 7.09 14.94 6.82
C LEU B 190 6.82 13.44 6.87
N VAL B 191 6.64 12.90 8.08
CA VAL B 191 6.27 11.51 8.28
C VAL B 191 4.86 11.46 8.81
N VAL B 192 4.04 10.56 8.27
CA VAL B 192 2.69 10.39 8.79
C VAL B 192 2.20 8.97 8.53
N GLY B 193 1.73 8.31 9.57
CA GLY B 193 0.96 7.09 9.45
C GLY B 193 -0.50 7.36 9.78
N ALA B 194 -1.40 6.84 8.95
CA ALA B 194 -2.82 7.11 9.14
C ALA B 194 -3.64 5.90 8.73
N GLU B 195 -4.66 5.58 9.53
CA GLU B 195 -5.53 4.44 9.24
C GLU B 195 -6.94 4.71 9.73
N SER B 196 -7.91 4.31 8.92
CA SER B 196 -9.31 4.39 9.30
C SER B 196 -10.02 3.26 8.54
N THR B 197 -10.27 2.15 9.24
CA THR B 197 -10.85 0.98 8.62
C THR B 197 -12.07 0.48 9.38
N ILE B 198 -12.75 1.35 10.13
CA ILE B 198 -13.91 0.91 10.89
C ILE B 198 -15.12 0.90 9.96
N CYS B 199 -15.35 -0.24 9.31
CA CYS B 199 -16.37 -0.37 8.28
C CYS B 199 -16.75 -1.84 8.22
N PRO B 200 -17.85 -2.19 7.55
CA PRO B 200 -18.29 -3.59 7.61
C PRO B 200 -17.24 -4.59 7.16
N VAL B 201 -16.67 -4.42 5.97
CA VAL B 201 -15.71 -5.42 5.52
C VAL B 201 -14.41 -5.36 6.32
N GLY B 202 -14.09 -4.23 6.96
CA GLY B 202 -12.90 -4.17 7.79
C GLY B 202 -13.06 -4.98 9.07
N ILE B 203 -14.15 -4.75 9.79
CA ILE B 203 -14.41 -5.53 11.00
C ILE B 203 -14.60 -7.01 10.66
N GLY B 204 -15.36 -7.30 9.60
CA GLY B 204 -15.60 -8.70 9.27
C GLY B 204 -14.33 -9.43 8.88
N GLY B 205 -13.41 -8.74 8.21
CA GLY B 205 -12.16 -9.38 7.83
C GLY B 205 -11.39 -9.88 9.03
N PHE B 206 -11.30 -9.07 10.07
CA PHE B 206 -10.52 -9.44 11.27
C PHE B 206 -11.32 -10.39 12.17
N ALA B 207 -12.64 -10.21 12.25
CA ALA B 207 -13.46 -11.17 12.98
C ALA B 207 -13.36 -12.56 12.38
N SER B 208 -13.39 -12.66 11.05
CA SER B 208 -13.43 -13.98 10.43
C SER B 208 -12.16 -14.77 10.66
N ILE B 209 -11.10 -14.12 11.12
CA ILE B 209 -9.86 -14.85 11.50
C ILE B 209 -9.71 -14.81 13.03
N LYS B 210 -10.76 -14.38 13.74
CA LYS B 210 -10.78 -14.45 15.20
C LYS B 210 -9.67 -13.59 15.81
N ALA B 211 -9.31 -12.50 15.14
CA ALA B 211 -8.28 -11.60 15.65
C ALA B 211 -8.80 -10.55 16.63
N LEU B 212 -10.10 -10.25 16.60
CA LEU B 212 -10.64 -9.12 17.36
C LEU B 212 -11.24 -9.58 18.70
N SER B 213 -11.17 -8.70 19.70
CA SER B 213 -11.85 -8.96 20.96
C SER B 213 -13.36 -8.84 20.78
N THR B 214 -14.09 -9.79 21.39
CA THR B 214 -15.56 -9.78 21.33
C THR B 214 -16.20 -9.33 22.64
N ARG B 215 -15.46 -8.68 23.54
CA ARG B 215 -16.02 -8.17 24.78
C ARG B 215 -16.82 -6.88 24.51
N ASN B 216 -17.96 -7.05 23.83
CA ASN B 216 -18.75 -5.92 23.35
C ASN B 216 -19.46 -5.18 24.46
N ASP B 217 -19.61 -5.85 25.61
CA ASP B 217 -20.39 -5.30 26.73
C ASP B 217 -19.60 -4.23 27.49
N GLU B 218 -18.29 -4.34 27.48
CA GLU B 218 -17.41 -3.38 28.15
C GLU B 218 -16.31 -2.93 27.21
N PRO B 219 -16.60 -1.97 26.34
CA PRO B 219 -15.56 -1.49 25.40
C PRO B 219 -14.33 -0.91 26.09
N LYS B 220 -14.47 -0.51 27.36
CA LYS B 220 -13.34 0.14 28.09
C LYS B 220 -12.41 -0.93 28.68
N LYS B 221 -12.86 -2.18 28.79
CA LYS B 221 -12.02 -3.26 29.29
C LYS B 221 -11.62 -4.25 28.19
N ALA B 222 -12.00 -4.00 26.95
CA ALA B 222 -11.76 -4.98 25.89
C ALA B 222 -10.27 -5.09 25.58
N SER B 223 -9.57 -3.97 25.48
CA SER B 223 -8.18 -3.95 25.09
C SER B 223 -7.30 -3.95 26.33
N ARG B 224 -6.49 -5.01 26.49
CA ARG B 224 -5.75 -5.25 27.73
C ARG B 224 -4.43 -5.93 27.42
N PRO B 225 -3.48 -5.19 26.83
CA PRO B 225 -2.22 -5.82 26.41
C PRO B 225 -1.53 -6.48 27.58
N PHE B 226 -1.02 -7.69 27.34
CA PHE B 226 -0.25 -8.49 28.29
C PHE B 226 -1.10 -9.07 29.43
N ASP B 227 -2.35 -8.66 29.55
CA ASP B 227 -3.23 -9.22 30.59
C ASP B 227 -3.60 -10.66 30.27
N LYS B 228 -3.90 -11.43 31.33
CA LYS B 228 -4.25 -12.83 31.16
C LYS B 228 -5.63 -13.01 30.50
N ASP B 229 -6.49 -12.01 30.58
CA ASP B 229 -7.81 -12.08 29.97
C ASP B 229 -7.88 -11.36 28.62
N ARG B 230 -6.75 -11.09 27.98
CA ARG B 230 -6.80 -10.56 26.62
C ARG B 230 -7.36 -11.60 25.68
N ASN B 231 -8.16 -11.15 24.71
CA ASN B 231 -8.79 -12.09 23.79
C ASN B 231 -8.95 -11.44 22.41
N GLY B 232 -7.94 -10.67 21.98
CA GLY B 232 -7.95 -10.09 20.65
C GLY B 232 -7.84 -8.58 20.63
N PHE B 233 -7.37 -7.98 19.53
CA PHE B 233 -7.21 -6.54 19.54
C PHE B 233 -8.55 -5.86 19.31
N VAL B 234 -8.56 -4.56 19.58
CA VAL B 234 -9.67 -3.68 19.28
C VAL B 234 -9.19 -2.69 18.22
N MET B 235 -9.88 -2.64 17.11
CA MET B 235 -9.43 -1.80 15.99
C MET B 235 -9.59 -0.31 16.33
N GLY B 236 -8.53 0.45 16.13
CA GLY B 236 -8.60 1.88 16.34
C GLY B 236 -8.33 2.65 15.06
N GLU B 237 -8.79 3.91 14.99
CA GLU B 237 -8.51 4.80 13.87
C GLU B 237 -7.71 6.00 14.37
N GLY B 238 -6.91 6.60 13.49
CA GLY B 238 -6.17 7.78 13.87
C GLY B 238 -4.99 8.02 12.94
N ALA B 239 -4.22 9.07 13.26
CA ALA B 239 -3.00 9.39 12.53
C ALA B 239 -2.01 10.10 13.43
N GLY B 240 -0.72 9.78 13.24
CA GLY B 240 0.36 10.47 13.88
C GLY B 240 1.33 11.00 12.83
N ALA B 241 1.99 12.10 13.16
CA ALA B 241 2.87 12.78 12.21
C ALA B 241 4.09 13.36 12.90
N LEU B 242 5.23 13.28 12.22
CA LEU B 242 6.47 13.89 12.68
C LEU B 242 7.06 14.69 11.54
N VAL B 243 7.77 15.77 11.90
CA VAL B 243 8.67 16.44 10.97
C VAL B 243 10.10 16.10 11.38
N LEU B 244 10.83 15.44 10.48
CA LEU B 244 12.23 15.11 10.69
C LEU B 244 13.10 16.10 9.92
N GLU B 245 14.21 16.50 10.53
CA GLU B 245 15.09 17.49 9.93
C GLU B 245 16.54 17.11 10.24
N GLU B 246 17.38 17.22 9.22
CA GLU B 246 18.82 17.15 9.45
C GLU B 246 19.21 18.20 10.50
N TYR B 247 20.14 17.81 11.38
CA TYR B 247 20.35 18.51 12.64
C TYR B 247 20.81 19.95 12.43
N GLU B 248 21.77 20.16 11.52
CA GLU B 248 22.29 21.50 11.30
C GLU B 248 21.23 22.40 10.68
N SER B 249 20.46 21.86 9.73
CA SER B 249 19.37 22.64 9.15
C SER B 249 18.39 23.12 10.21
N ALA B 250 18.09 22.27 11.19
CA ALA B 250 17.17 22.65 12.26
C ALA B 250 17.77 23.73 13.15
N LYS B 251 19.07 23.62 13.45
CA LYS B 251 19.73 24.64 14.27
C LYS B 251 19.73 25.99 13.57
N LYS B 252 20.12 26.00 12.30
CA LYS B 252 20.21 27.23 11.53
C LYS B 252 18.91 28.03 11.57
N ARG B 253 17.77 27.37 11.34
CA ARG B 253 16.49 28.08 11.36
C ARG B 253 15.87 28.16 12.75
N GLY B 254 16.60 27.76 13.79
CA GLY B 254 16.08 27.86 15.15
C GLY B 254 14.89 26.99 15.44
N ALA B 255 14.98 25.70 15.11
CA ALA B 255 13.78 24.85 15.23
C ALA B 255 13.62 24.27 16.64
N LYS B 256 12.36 24.01 17.04
CA LYS B 256 12.13 23.31 18.33
C LYS B 256 12.64 21.89 18.14
N ILE B 257 13.27 21.32 19.17
CA ILE B 257 13.86 20.00 18.99
C ILE B 257 13.31 19.06 20.06
N TYR B 258 12.40 18.18 19.65
CA TYR B 258 11.74 17.27 20.60
C TYR B 258 12.65 16.12 20.97
N ALA B 259 13.47 15.67 20.03
CA ALA B 259 14.23 14.44 20.17
C ALA B 259 15.18 14.35 18.99
N GLU B 260 16.13 13.43 19.11
CA GLU B 260 17.04 13.08 18.03
C GLU B 260 16.84 11.62 17.67
N PHE B 261 16.81 11.33 16.37
CA PHE B 261 16.73 9.94 15.94
C PHE B 261 18.00 9.21 16.33
N ALA B 262 17.86 8.04 16.94
CA ALA B 262 19.02 7.28 17.40
C ALA B 262 19.27 5.99 16.64
N GLY B 263 18.26 5.20 16.33
CA GLY B 263 18.53 3.91 15.72
C GLY B 263 17.26 3.26 15.20
N TYR B 264 17.45 2.30 14.30
CA TYR B 264 16.32 1.58 13.74
C TYR B 264 16.73 0.15 13.42
N GLY B 265 15.72 -0.71 13.30
CA GLY B 265 15.92 -2.08 12.91
C GLY B 265 14.74 -2.62 12.13
N GLU B 266 15.03 -3.43 11.10
CA GLU B 266 13.99 -4.01 10.27
C GLU B 266 14.35 -5.44 9.92
N SER B 267 13.34 -6.31 9.96
CA SER B 267 13.57 -7.73 9.73
C SER B 267 12.27 -8.36 9.27
N GLY B 268 12.39 -9.59 8.78
CA GLY B 268 11.22 -10.41 8.47
C GLY B 268 11.35 -11.76 9.14
N ASP B 269 10.20 -12.31 9.59
CA ASP B 269 10.25 -13.63 10.23
C ASP B 269 10.45 -14.76 9.21
N ALA B 270 9.92 -14.59 7.98
CA ALA B 270 9.88 -15.69 7.00
C ALA B 270 9.31 -16.96 7.63
N ASN B 271 8.32 -16.79 8.50
CA ASN B 271 7.73 -17.93 9.19
C ASN B 271 6.26 -18.12 8.81
N HIS B 272 5.41 -17.17 9.14
CA HIS B 272 3.97 -17.34 8.99
C HIS B 272 3.33 -16.02 8.58
N ILE B 273 2.19 -16.11 7.88
CA ILE B 273 1.56 -14.93 7.31
C ILE B 273 0.82 -14.08 8.33
N THR B 274 0.44 -14.64 9.50
CA THR B 274 -0.25 -13.87 10.54
C THR B 274 0.34 -14.09 11.92
N ALA B 275 0.75 -15.30 12.23
CA ALA B 275 1.29 -15.68 13.52
C ALA B 275 2.73 -15.18 13.66
N PRO B 276 3.13 -14.78 14.86
CA PRO B 276 4.51 -14.34 15.04
C PRO B 276 5.47 -15.53 15.05
N ALA B 277 6.70 -15.27 14.62
CA ALA B 277 7.79 -16.24 14.68
C ALA B 277 7.92 -16.79 16.10
N PRO B 278 8.31 -18.05 16.26
CA PRO B 278 8.47 -18.58 17.63
C PRO B 278 9.55 -17.79 18.37
N GLU B 279 9.26 -17.48 19.64
CA GLU B 279 10.11 -16.69 20.51
C GLU B 279 10.29 -15.25 20.04
N GLY B 280 9.40 -14.79 19.16
CA GLY B 280 9.58 -13.46 18.58
C GLY B 280 10.92 -13.27 17.90
N GLU B 281 11.41 -14.33 17.26
CA GLU B 281 12.76 -14.34 16.71
C GLU B 281 13.01 -13.17 15.76
N GLY B 282 12.05 -12.89 14.88
CA GLY B 282 12.22 -11.76 13.98
C GLY B 282 12.24 -10.44 14.72
N ALA B 283 11.33 -10.28 15.68
CA ALA B 283 11.27 -9.07 16.49
C ALA B 283 12.56 -8.86 17.27
N PHE B 284 13.18 -9.97 17.71
CA PHE B 284 14.42 -9.87 18.48
C PHE B 284 15.51 -9.22 17.66
N ARG B 285 15.69 -9.68 16.40
CA ARG B 285 16.74 -9.15 15.52
C ARG B 285 16.53 -7.66 15.22
N ALA B 286 15.29 -7.25 14.97
CA ALA B 286 15.06 -5.84 14.66
C ALA B 286 15.39 -4.97 15.87
N MET B 287 14.99 -5.42 17.07
CA MET B 287 15.27 -4.68 18.28
C MET B 287 16.77 -4.61 18.57
N LYS B 288 17.46 -5.74 18.43
CA LYS B 288 18.91 -5.76 18.64
C LYS B 288 19.63 -4.83 17.67
N MET B 289 19.17 -4.70 16.44
CA MET B 289 19.93 -3.87 15.48
C MET B 289 19.61 -2.40 15.72
N ALA B 290 18.40 -2.12 16.18
CA ALA B 290 18.16 -0.75 16.58
C ALA B 290 18.96 -0.37 17.82
N LEU B 291 19.06 -1.29 18.79
CA LEU B 291 19.84 -1.00 19.99
C LEU B 291 21.33 -0.90 19.66
N GLU B 292 21.84 -1.81 18.83
CA GLU B 292 23.24 -1.73 18.43
C GLU B 292 23.53 -0.48 17.63
N MET B 293 22.45 0.10 17.09
CA MET B 293 22.62 1.24 16.17
C MET B 293 22.46 2.55 16.93
N ALA B 294 21.70 2.51 18.00
CA ALA B 294 21.48 3.72 18.77
C ALA B 294 22.59 3.92 19.81
N LYS B 295 23.08 2.83 20.38
CA LYS B 295 24.16 2.94 21.41
C LYS B 295 23.71 3.93 22.49
N VAL B 296 22.50 3.76 23.05
CA VAL B 296 22.05 4.53 24.19
C VAL B 296 21.26 3.62 25.11
N GLU B 297 21.14 4.05 26.36
CA GLU B 297 20.38 3.29 27.34
C GLU B 297 18.91 3.65 27.20
N VAL B 298 18.09 2.69 26.78
CA VAL B 298 16.67 2.92 26.62
C VAL B 298 15.98 2.83 27.98
N GLY B 299 15.24 3.88 28.34
CA GLY B 299 14.56 3.89 29.62
C GLY B 299 13.09 3.51 29.53
N TYR B 300 12.55 3.42 28.31
CA TYR B 300 11.13 3.17 28.15
C TYR B 300 10.88 2.53 26.78
N VAL B 301 10.00 1.54 26.76
CA VAL B 301 9.64 0.85 25.54
C VAL B 301 8.13 0.94 25.36
N ASN B 302 7.68 1.49 24.23
CA ASN B 302 6.29 1.40 23.83
C ASN B 302 6.14 0.15 22.97
N ALA B 303 5.51 -0.87 23.53
CA ALA B 303 5.42 -2.12 22.82
C ALA B 303 4.30 -2.07 21.78
N HIS B 304 4.44 -2.87 20.73
CA HIS B 304 3.34 -3.14 19.82
C HIS B 304 2.07 -3.49 20.59
N GLY B 305 2.14 -4.57 21.38
CA GLY B 305 1.16 -4.94 22.39
C GLY B 305 -0.29 -4.78 21.98
N THR B 306 -0.71 -5.55 20.98
CA THR B 306 -2.04 -5.41 20.39
C THR B 306 -3.14 -6.09 21.19
N SER B 307 -2.80 -6.87 22.23
CA SER B 307 -3.77 -7.51 23.13
C SER B 307 -4.31 -8.81 22.57
N THR B 308 -3.56 -9.44 21.65
CA THR B 308 -3.79 -10.81 21.23
C THR B 308 -2.94 -11.76 22.07
N HIS B 309 -3.36 -13.01 22.14
CA HIS B 309 -2.60 -13.99 22.91
C HIS B 309 -1.18 -14.13 22.36
N TYR B 310 -1.06 -14.40 21.07
CA TYR B 310 0.28 -14.70 20.49
C TYR B 310 1.20 -13.47 20.49
N ASN B 311 0.68 -12.32 20.07
CA ASN B 311 1.57 -11.18 19.90
C ASN B 311 2.19 -10.77 21.23
N ASP B 312 1.34 -10.50 22.23
CA ASP B 312 1.86 -10.00 23.50
C ASP B 312 2.82 -11.00 24.15
N LEU B 313 2.51 -12.29 24.05
CA LEU B 313 3.42 -13.32 24.52
C LEU B 313 4.76 -13.22 23.79
N TYR B 314 4.73 -13.33 22.46
CA TYR B 314 6.00 -13.43 21.73
C TYR B 314 6.77 -12.12 21.76
N GLU B 315 6.07 -10.98 21.88
CA GLU B 315 6.79 -9.72 22.06
C GLU B 315 7.50 -9.70 23.41
N SER B 316 6.83 -10.15 24.47
CA SER B 316 7.48 -10.21 25.78
C SER B 316 8.68 -11.14 25.75
N ILE B 317 8.58 -12.29 25.08
CA ILE B 317 9.72 -13.20 25.02
C ILE B 317 10.89 -12.53 24.32
N ALA B 318 10.60 -11.86 23.18
CA ALA B 318 11.67 -11.19 22.45
C ALA B 318 12.28 -10.07 23.29
N LEU B 319 11.46 -9.37 24.07
CA LEU B 319 12.00 -8.28 24.89
C LEU B 319 12.99 -8.79 25.92
N LYS B 320 12.65 -9.87 26.63
CA LYS B 320 13.59 -10.42 27.63
C LYS B 320 14.86 -10.90 26.92
N ASN B 321 14.70 -11.66 25.83
CA ASN B 321 15.86 -12.21 25.15
C ASN B 321 16.80 -11.10 24.67
N VAL B 322 16.26 -9.98 24.19
CA VAL B 322 17.16 -8.98 23.62
C VAL B 322 17.86 -8.18 24.72
N PHE B 323 17.19 -7.93 25.84
CA PHE B 323 17.82 -7.19 26.91
C PHE B 323 18.60 -8.08 27.88
N GLY B 324 18.36 -9.39 27.84
CA GLY B 324 19.11 -10.35 28.65
C GLY B 324 18.26 -11.14 29.61
N SER B 325 17.40 -10.44 30.36
CA SER B 325 16.50 -11.10 31.29
C SER B 325 15.32 -10.16 31.50
N LYS B 326 14.28 -10.68 32.16
CA LYS B 326 13.14 -9.84 32.49
C LYS B 326 13.54 -8.69 33.39
N GLU B 327 14.56 -8.88 34.23
CA GLU B 327 15.01 -7.79 35.09
C GLU B 327 15.74 -6.71 34.29
N LYS B 328 16.34 -7.06 33.16
CA LYS B 328 17.08 -6.08 32.40
C LYS B 328 16.24 -5.36 31.35
N VAL B 329 14.98 -5.74 31.17
CA VAL B 329 14.08 -5.04 30.26
C VAL B 329 13.69 -3.70 30.88
N PRO B 330 13.81 -2.58 30.16
CA PRO B 330 13.34 -1.28 30.69
C PRO B 330 11.83 -1.32 30.89
N PRO B 331 11.25 -0.34 31.60
CA PRO B 331 9.79 -0.30 31.72
C PRO B 331 9.13 -0.24 30.34
N VAL B 332 8.07 -1.03 30.19
CA VAL B 332 7.38 -1.25 28.93
C VAL B 332 5.92 -0.87 29.12
N SER B 333 5.30 -0.29 28.08
CA SER B 333 3.86 -0.26 28.07
C SER B 333 3.35 -0.26 26.64
N SER B 334 2.13 -0.79 26.46
CA SER B 334 1.35 -0.60 25.24
C SER B 334 0.19 0.33 25.53
N THR B 335 -0.01 1.31 24.66
CA THR B 335 -1.13 2.23 24.75
C THR B 335 -2.30 1.81 23.87
N ALA B 336 -2.29 0.57 23.38
CA ALA B 336 -3.41 0.07 22.59
C ALA B 336 -4.64 -0.14 23.46
N GLY B 337 -4.45 -0.39 24.76
CA GLY B 337 -5.57 -0.35 25.69
C GLY B 337 -6.34 0.96 25.62
N GLN B 338 -5.62 2.08 25.61
CA GLN B 338 -6.26 3.40 25.61
C GLN B 338 -6.94 3.71 24.29
N ILE B 339 -6.24 3.58 23.16
CA ILE B 339 -6.77 4.09 21.90
C ILE B 339 -7.05 2.98 20.89
N GLY B 340 -6.96 1.73 21.30
CA GLY B 340 -7.03 0.62 20.36
C GLY B 340 -5.72 0.47 19.61
N HIS B 341 -5.67 -0.62 18.84
CA HIS B 341 -4.53 -0.83 17.91
C HIS B 341 -4.92 -0.17 16.58
N CYS B 342 -4.14 0.81 16.17
CA CYS B 342 -4.51 1.59 15.00
C CYS B 342 -3.80 1.12 13.73
N LEU B 343 -3.41 -0.16 13.68
CA LEU B 343 -2.95 -0.82 12.45
C LEU B 343 -1.79 -0.03 11.83
N GLY B 344 -1.88 0.41 10.58
CA GLY B 344 -0.76 1.06 9.93
C GLY B 344 -0.39 2.37 10.60
N ALA B 345 -1.33 3.01 11.28
CA ALA B 345 -1.05 4.27 11.95
C ALA B 345 -0.32 4.08 13.30
N ALA B 346 -0.37 2.88 13.88
CA ALA B 346 0.09 2.70 15.25
C ALA B 346 1.55 3.14 15.43
N GLY B 347 2.43 2.74 14.50
CA GLY B 347 3.84 3.08 14.63
C GLY B 347 4.11 4.59 14.67
N ALA B 348 3.28 5.38 13.98
CA ALA B 348 3.44 6.83 13.99
C ALA B 348 2.87 7.45 15.27
N LEU B 349 1.67 7.02 15.65
CA LEU B 349 1.08 7.44 16.91
C LEU B 349 1.99 7.10 18.07
N GLU B 350 2.54 5.89 18.08
CA GLU B 350 3.28 5.43 19.24
C GLU B 350 4.67 6.06 19.33
N ALA B 351 5.23 6.54 18.22
CA ALA B 351 6.45 7.34 18.31
C ALA B 351 6.17 8.73 18.90
N VAL B 352 5.09 9.39 18.49
CA VAL B 352 4.73 10.67 19.10
C VAL B 352 4.50 10.49 20.60
N ILE B 353 3.72 9.47 20.96
CA ILE B 353 3.45 9.15 22.36
C ILE B 353 4.76 8.94 23.11
N SER B 354 5.71 8.19 22.52
CA SER B 354 6.94 7.83 23.23
C SER B 354 7.83 9.05 23.43
N ILE B 355 7.95 9.90 22.42
CA ILE B 355 8.77 11.09 22.52
C ILE B 355 8.18 12.05 23.55
N MET B 356 6.84 12.14 23.58
CA MET B 356 6.17 13.00 24.56
C MET B 356 6.34 12.45 25.97
N ALA B 357 6.30 11.13 26.11
CA ALA B 357 6.59 10.52 27.40
C ALA B 357 7.97 10.91 27.88
N MET B 358 8.96 10.89 26.97
CA MET B 358 10.32 11.31 27.30
C MET B 358 10.38 12.80 27.59
N ASN B 359 9.75 13.61 26.73
CA ASN B 359 9.74 15.07 26.92
C ASN B 359 9.26 15.46 28.32
N GLN B 360 8.25 14.71 28.77
CA GLN B 360 7.53 15.11 30.02
C GLN B 360 7.77 14.14 31.18
N GLY B 361 8.78 13.30 31.09
CA GLY B 361 9.10 12.42 32.20
C GLY B 361 7.93 11.61 32.70
N ILE B 362 6.88 11.45 31.90
CA ILE B 362 5.66 10.73 32.27
C ILE B 362 5.52 9.52 31.34
N LEU B 363 5.68 8.32 31.89
CA LEU B 363 5.55 7.09 31.12
C LEU B 363 4.12 6.59 31.20
N PRO B 364 3.38 6.54 30.11
CA PRO B 364 1.96 6.16 30.18
C PRO B 364 1.80 4.71 30.54
N PRO B 365 0.65 4.29 31.12
CA PRO B 365 0.53 2.91 31.58
C PRO B 365 -0.18 1.95 30.63
N THR B 366 0.04 0.65 30.82
CA THR B 366 -0.75 -0.34 30.06
C THR B 366 -2.00 -0.54 30.92
N ILE B 367 -3.17 -0.13 30.44
CA ILE B 367 -4.40 -0.16 31.29
C ILE B 367 -5.04 -1.55 31.32
N ASN B 368 -6.10 -1.70 32.12
CA ASN B 368 -6.84 -2.96 32.21
C ASN B 368 -5.98 -4.13 32.62
N GLN B 369 -5.00 -3.88 33.50
CA GLN B 369 -4.17 -4.94 34.06
C GLN B 369 -4.87 -5.46 35.32
N GLU B 370 -5.56 -6.59 35.19
CA GLU B 370 -6.36 -7.12 36.27
C GLU B 370 -5.90 -8.50 36.72
N THR B 371 -5.39 -9.32 35.80
CA THR B 371 -4.87 -10.65 36.11
C THR B 371 -3.50 -10.80 35.49
N PRO B 372 -2.44 -10.91 36.28
CA PRO B 372 -1.10 -11.17 35.71
C PRO B 372 -1.11 -12.41 34.85
N ASP B 373 -0.45 -12.34 33.70
CA ASP B 373 -0.23 -13.51 32.88
C ASP B 373 1.15 -14.04 33.24
N PRO B 374 1.27 -15.23 33.83
CA PRO B 374 2.60 -15.71 34.24
C PRO B 374 3.61 -15.75 33.09
N GLU B 375 3.15 -16.01 31.87
CA GLU B 375 4.05 -15.97 30.70
C GLU B 375 4.43 -14.55 30.30
N CYS B 376 3.64 -13.54 30.67
CA CYS B 376 3.95 -12.14 30.37
C CYS B 376 4.37 -11.45 31.67
N ASP B 377 5.65 -11.60 32.01
CA ASP B 377 6.18 -11.32 33.35
C ASP B 377 7.07 -10.07 33.41
N LEU B 378 6.79 -9.07 32.58
CA LEU B 378 7.58 -7.85 32.57
C LEU B 378 6.88 -6.76 33.40
N ASP B 379 7.54 -5.62 33.52
CA ASP B 379 6.96 -4.44 34.16
C ASP B 379 6.26 -3.63 33.07
N TYR B 380 4.94 -3.71 33.05
CA TYR B 380 4.15 -3.10 32.01
C TYR B 380 3.53 -1.76 32.43
N ILE B 381 4.11 -1.13 33.45
CA ILE B 381 3.60 0.12 34.03
C ILE B 381 2.10 0.00 34.26
N PRO B 382 1.65 -0.96 35.08
CA PRO B 382 0.22 -1.29 35.10
C PRO B 382 -0.66 -0.14 35.58
N ASN B 383 -1.70 0.13 34.80
CA ASN B 383 -2.87 0.94 35.19
C ASN B 383 -2.58 2.42 35.52
N ALA B 384 -1.39 2.76 36.04
CA ALA B 384 -1.13 4.14 36.43
C ALA B 384 0.16 4.66 35.82
N ALA B 385 0.11 5.90 35.33
CA ALA B 385 1.29 6.53 34.74
C ALA B 385 2.42 6.60 35.76
N ARG B 386 3.65 6.44 35.27
CA ARG B 386 4.83 6.49 36.12
C ARG B 386 5.65 7.73 35.82
N GLU B 387 6.06 8.43 36.87
CA GLU B 387 6.96 9.56 36.75
C GLU B 387 8.38 9.04 36.75
N LYS B 388 9.01 9.15 35.59
CA LYS B 388 10.41 8.69 35.46
C LYS B 388 11.06 9.45 34.30
N GLN B 389 12.24 10.04 34.53
CA GLN B 389 12.97 10.65 33.41
C GLN B 389 13.76 9.57 32.67
N VAL B 390 13.61 9.53 31.38
CA VAL B 390 14.36 8.61 30.54
C VAL B 390 15.13 9.45 29.52
N ASP B 391 16.21 8.88 29.03
CA ASP B 391 17.00 9.57 28.01
C ASP B 391 16.84 8.98 26.62
N ALA B 392 16.17 7.84 26.48
CA ALA B 392 15.92 7.20 25.18
C ALA B 392 14.68 6.34 25.27
N VAL B 393 13.91 6.30 24.17
CA VAL B 393 12.67 5.53 24.07
C VAL B 393 12.71 4.66 22.81
N MET B 394 12.13 3.47 22.90
CA MET B 394 12.10 2.53 21.80
C MET B 394 10.65 2.16 21.52
N SER B 395 10.30 2.09 20.23
CA SER B 395 8.95 1.76 19.79
C SER B 395 9.01 0.59 18.82
N ASN B 396 8.18 -0.44 19.06
CA ASN B 396 8.14 -1.67 18.28
C ASN B 396 6.90 -1.72 17.42
N SER B 397 7.04 -2.25 16.20
CA SER B 397 5.89 -2.49 15.34
C SER B 397 6.11 -3.76 14.53
N PHE B 398 5.10 -4.61 14.45
CA PHE B 398 5.14 -5.82 13.65
C PHE B 398 3.87 -5.92 12.82
N GLY B 399 3.97 -6.58 11.66
CA GLY B 399 2.84 -6.71 10.77
C GLY B 399 2.69 -8.11 10.21
N PHE B 400 1.48 -8.29 9.62
CA PHE B 400 1.18 -9.53 8.88
C PHE B 400 2.25 -9.64 7.79
N GLY B 401 2.54 -10.85 7.38
CA GLY B 401 3.69 -11.07 6.54
C GLY B 401 4.98 -11.22 7.31
N GLY B 402 4.92 -11.18 8.64
CA GLY B 402 6.11 -11.29 9.47
C GLY B 402 7.09 -10.15 9.38
N THR B 403 6.63 -8.94 9.07
CA THR B 403 7.52 -7.81 8.89
C THR B 403 7.62 -6.98 10.17
N ASN B 404 8.85 -6.62 10.54
CA ASN B 404 9.17 -6.00 11.81
C ASN B 404 9.94 -4.71 11.58
N GLY B 405 9.56 -3.67 12.32
CA GLY B 405 10.30 -2.43 12.36
C GLY B 405 10.43 -1.87 13.77
N VAL B 406 11.61 -1.33 14.11
CA VAL B 406 11.87 -0.79 15.44
C VAL B 406 12.58 0.54 15.26
N VAL B 407 12.19 1.55 16.06
CA VAL B 407 12.92 2.82 16.08
C VAL B 407 13.25 3.22 17.51
N ILE B 408 14.36 3.94 17.66
CA ILE B 408 14.78 4.51 18.93
C ILE B 408 15.06 6.00 18.72
N PHE B 409 14.49 6.83 19.59
CA PHE B 409 14.78 8.25 19.66
C PHE B 409 15.43 8.55 21.00
N LYS B 410 16.34 9.53 21.00
CA LYS B 410 17.10 9.92 22.22
C LYS B 410 16.84 11.39 22.56
N LYS B 411 17.01 11.74 23.85
CA LYS B 411 16.80 13.14 24.28
C LYS B 411 17.74 14.08 23.52
N ALA B 412 17.21 15.23 23.12
CA ALA B 412 18.03 16.24 22.44
C ALA B 412 19.08 16.86 23.41
N SER C 4 -44.00 25.71 -19.97
CA SER C 4 -44.18 25.70 -18.50
C SER C 4 -43.08 26.56 -17.87
N MET C 5 -43.32 27.87 -17.76
CA MET C 5 -42.30 28.79 -17.20
C MET C 5 -41.90 28.32 -15.80
N GLY C 6 -42.89 28.03 -14.95
CA GLY C 6 -42.61 27.59 -13.57
C GLY C 6 -41.75 26.34 -13.55
N TYR C 7 -42.12 25.34 -14.36
CA TYR C 7 -41.33 24.07 -14.45
C TYR C 7 -39.89 24.40 -14.83
N LEU C 8 -39.73 25.22 -15.88
CA LEU C 8 -38.37 25.59 -16.36
C LEU C 8 -37.59 26.19 -15.19
N MET C 9 -38.21 27.15 -14.48
CA MET C 9 -37.52 27.84 -13.37
C MET C 9 -37.09 26.78 -12.35
N ALA C 10 -38.01 25.87 -11.99
CA ALA C 10 -37.70 24.83 -10.98
C ALA C 10 -36.48 24.01 -11.43
N LEU C 11 -36.53 23.49 -12.65
CA LEU C 11 -35.41 22.64 -13.16
C LEU C 11 -34.11 23.44 -13.11
N PHE C 12 -34.12 24.71 -13.53
CA PHE C 12 -32.89 25.52 -13.58
C PHE C 12 -32.34 25.70 -12.16
N GLU C 13 -33.24 25.98 -11.21
CA GLU C 13 -32.82 26.19 -9.80
C GLU C 13 -32.20 24.89 -9.26
N ASP C 14 -32.82 23.74 -9.55
CA ASP C 14 -32.22 22.45 -9.14
C ASP C 14 -30.80 22.35 -9.68
N ILE C 15 -30.63 22.59 -10.99
CA ILE C 15 -29.28 22.46 -11.62
C ILE C 15 -28.32 23.39 -10.88
N GLN C 16 -28.72 24.64 -10.64
CA GLN C 16 -27.85 25.64 -9.99
C GLN C 16 -27.42 25.12 -8.62
N ALA C 17 -28.37 24.68 -7.81
CA ALA C 17 -28.06 24.15 -6.46
C ALA C 17 -27.03 23.02 -6.58
N VAL C 18 -27.29 22.07 -7.48
CA VAL C 18 -26.37 20.90 -7.63
C VAL C 18 -24.95 21.42 -7.93
N ILE C 19 -24.83 22.29 -8.94
CA ILE C 19 -23.48 22.76 -9.34
C ILE C 19 -22.82 23.45 -8.15
N ALA C 20 -23.55 24.31 -7.45
CA ALA C 20 -22.98 25.09 -6.33
C ALA C 20 -22.49 24.14 -5.22
N GLU C 21 -23.27 23.09 -4.93
CA GLU C 21 -22.89 22.13 -3.87
C GLU C 21 -21.63 21.37 -4.31
N GLN C 22 -21.58 20.93 -5.56
CA GLN C 22 -20.43 20.11 -6.03
C GLN C 22 -19.13 20.93 -6.01
N LEU C 23 -19.12 22.11 -6.63
CA LEU C 23 -17.94 22.94 -6.73
C LEU C 23 -17.72 23.79 -5.49
N ASN C 24 -18.63 23.71 -4.53
CA ASN C 24 -18.54 24.53 -3.30
C ASN C 24 -18.50 26.01 -3.72
N VAL C 25 -19.35 26.38 -4.68
CA VAL C 25 -19.42 27.80 -5.14
C VAL C 25 -20.81 28.34 -4.79
N ASP C 26 -20.91 29.66 -4.59
CA ASP C 26 -22.24 30.27 -4.30
C ASP C 26 -23.06 30.31 -5.60
N ALA C 27 -24.38 30.13 -5.50
CA ALA C 27 -25.26 30.17 -6.69
C ALA C 27 -25.13 31.54 -7.36
N ALA C 28 -24.53 32.51 -6.66
CA ALA C 28 -24.33 33.86 -7.22
C ALA C 28 -23.37 33.80 -8.41
N GLN C 29 -22.32 32.97 -8.32
CA GLN C 29 -21.28 32.94 -9.38
C GLN C 29 -21.70 32.01 -10.53
N VAL C 30 -22.73 31.18 -10.33
CA VAL C 30 -23.12 30.21 -11.41
C VAL C 30 -24.04 30.92 -12.40
N THR C 31 -23.49 31.82 -13.20
CA THR C 31 -24.29 32.50 -14.25
C THR C 31 -24.45 31.53 -15.43
N PRO C 32 -25.52 31.63 -16.24
CA PRO C 32 -25.68 30.76 -17.41
C PRO C 32 -24.43 30.82 -18.29
N GLU C 33 -23.69 31.94 -18.25
CA GLU C 33 -22.49 32.11 -19.10
C GLU C 33 -21.24 31.72 -18.30
N ALA C 34 -21.41 31.28 -17.04
CA ALA C 34 -20.26 30.97 -16.18
C ALA C 34 -19.49 29.77 -16.72
N GLU C 35 -18.16 29.87 -16.79
CA GLU C 35 -17.34 28.76 -17.25
C GLU C 35 -16.84 27.94 -16.06
N PHE C 36 -16.90 26.62 -16.18
CA PHE C 36 -16.57 25.76 -15.05
C PHE C 36 -15.12 25.94 -14.61
N VAL C 37 -14.18 25.91 -15.55
CA VAL C 37 -12.77 25.97 -15.16
C VAL C 37 -12.35 27.40 -14.87
N LYS C 38 -12.76 28.36 -15.72
CA LYS C 38 -12.35 29.74 -15.51
C LYS C 38 -13.16 30.43 -14.43
N ASP C 39 -14.48 30.26 -14.43
CA ASP C 39 -15.35 31.06 -13.55
C ASP C 39 -15.79 30.34 -12.28
N LEU C 40 -15.67 29.01 -12.22
CA LEU C 40 -16.14 28.26 -11.06
C LEU C 40 -15.04 27.48 -10.36
N GLY C 41 -13.81 27.51 -10.84
CA GLY C 41 -12.70 26.86 -10.16
C GLY C 41 -12.75 25.34 -10.16
N ALA C 42 -13.25 24.76 -11.24
CA ALA C 42 -13.38 23.31 -11.36
C ALA C 42 -12.37 22.78 -12.38
N ASP C 43 -11.98 21.52 -12.20
CA ASP C 43 -11.04 20.86 -13.16
C ASP C 43 -11.74 19.65 -13.80
N SER C 44 -10.99 18.87 -14.60
CA SER C 44 -11.57 17.68 -15.34
C SER C 44 -12.29 16.73 -14.46
N LEU C 45 -11.66 16.42 -13.35
CA LEU C 45 -12.25 15.46 -12.37
C LEU C 45 -13.54 16.05 -11.80
N ASP C 46 -13.50 17.30 -11.35
CA ASP C 46 -14.72 17.96 -10.81
C ASP C 46 -15.83 17.89 -11.85
N VAL C 47 -15.51 18.13 -13.12
CA VAL C 47 -16.56 18.18 -14.18
C VAL C 47 -17.24 16.82 -14.32
N VAL C 48 -16.46 15.74 -14.42
CA VAL C 48 -17.08 14.40 -14.67
C VAL C 48 -17.92 14.01 -13.45
N GLU C 49 -17.48 14.37 -12.24
CA GLU C 49 -18.24 14.06 -11.01
C GLU C 49 -19.53 14.90 -10.97
N LEU C 50 -19.43 16.17 -11.38
CA LEU C 50 -20.64 17.05 -11.42
C LEU C 50 -21.64 16.47 -12.42
N ILE C 51 -21.17 16.07 -13.61
CA ILE C 51 -22.07 15.52 -14.66
C ILE C 51 -22.76 14.26 -14.11
N MET C 52 -22.02 13.44 -13.37
CA MET C 52 -22.60 12.20 -12.78
C MET C 52 -23.70 12.57 -11.78
N ALA C 53 -23.42 13.53 -10.91
CA ALA C 53 -24.41 13.94 -9.89
C ALA C 53 -25.67 14.44 -10.60
N LEU C 54 -25.50 15.23 -11.66
CA LEU C 54 -26.66 15.78 -12.40
C LEU C 54 -27.47 14.61 -12.99
N GLU C 55 -26.78 13.65 -13.60
CA GLU C 55 -27.47 12.48 -14.21
C GLU C 55 -28.27 11.76 -13.13
N GLU C 56 -27.74 11.69 -11.91
CA GLU C 56 -28.48 11.06 -10.79
C GLU C 56 -29.55 12.03 -10.29
N LYS C 57 -29.22 13.32 -10.17
CA LYS C 57 -30.17 14.32 -9.61
C LYS C 57 -31.38 14.45 -10.54
N PHE C 58 -31.27 13.99 -11.77
CA PHE C 58 -32.38 14.16 -12.74
C PHE C 58 -32.64 12.84 -13.47
N GLY C 59 -32.10 11.73 -12.96
CA GLY C 59 -32.32 10.41 -13.59
C GLY C 59 -31.99 10.43 -15.06
N ILE C 60 -31.30 11.47 -15.54
CA ILE C 60 -30.95 11.58 -16.98
C ILE C 60 -29.70 10.74 -17.25
N GLU C 61 -29.34 10.56 -18.53
CA GLU C 61 -28.11 9.80 -18.89
C GLU C 61 -27.43 10.49 -20.08
N ILE C 62 -26.60 11.50 -19.81
CA ILE C 62 -25.91 12.22 -20.88
C ILE C 62 -24.93 11.27 -21.55
N PRO C 63 -24.89 11.19 -22.90
CA PRO C 63 -23.85 10.40 -23.58
C PRO C 63 -22.49 11.08 -23.37
N ASP C 64 -21.39 10.31 -23.45
CA ASP C 64 -20.03 10.87 -23.17
C ASP C 64 -19.61 11.85 -24.26
N GLU C 65 -19.84 11.49 -25.52
CA GLU C 65 -19.50 12.36 -26.67
C GLU C 65 -19.99 13.79 -26.45
N GLN C 66 -21.27 13.95 -26.13
CA GLN C 66 -21.87 15.30 -25.95
C GLN C 66 -21.33 15.94 -24.67
N ALA C 67 -21.05 15.15 -23.64
CA ALA C 67 -20.59 15.71 -22.35
C ALA C 67 -19.25 16.42 -22.54
N GLU C 68 -18.36 15.88 -23.37
CA GLU C 68 -17.08 16.59 -23.65
C GLU C 68 -17.42 18.00 -24.14
N LYS C 69 -18.54 18.17 -24.82
CA LYS C 69 -18.85 19.48 -25.45
C LYS C 69 -19.55 20.37 -24.43
N ILE C 70 -18.89 20.65 -23.32
CA ILE C 70 -19.47 21.56 -22.28
C ILE C 70 -18.40 22.57 -21.84
N VAL C 71 -18.74 23.85 -21.78
CA VAL C 71 -17.83 24.92 -21.39
C VAL C 71 -18.43 25.80 -20.30
N ASN C 72 -19.67 26.24 -20.49
CA ASN C 72 -20.38 27.08 -19.53
C ASN C 72 -21.58 26.34 -18.98
N VAL C 73 -22.12 26.82 -17.85
CA VAL C 73 -23.27 26.14 -17.20
C VAL C 73 -24.45 26.13 -18.18
N GLY C 74 -24.46 27.10 -19.10
CA GLY C 74 -25.55 27.20 -20.08
C GLY C 74 -25.69 25.91 -20.88
N ASP C 75 -24.58 25.30 -21.29
CA ASP C 75 -24.66 24.09 -22.13
C ASP C 75 -25.43 23.02 -21.36
N VAL C 76 -25.03 22.78 -20.11
CA VAL C 76 -25.70 21.76 -19.27
C VAL C 76 -27.18 22.12 -19.13
N VAL C 77 -27.48 23.38 -18.83
CA VAL C 77 -28.91 23.73 -18.58
C VAL C 77 -29.72 23.48 -19.86
N LYS C 78 -29.15 23.82 -21.03
CA LYS C 78 -29.87 23.63 -22.31
C LYS C 78 -30.13 22.14 -22.50
N TYR C 79 -29.11 21.35 -22.23
CA TYR C 79 -29.22 19.87 -22.44
C TYR C 79 -30.35 19.36 -21.55
N ILE C 80 -30.41 19.89 -20.33
CA ILE C 80 -31.48 19.48 -19.36
C ILE C 80 -32.83 19.91 -19.93
N GLU C 81 -32.89 21.08 -20.56
CA GLU C 81 -34.14 21.59 -21.17
C GLU C 81 -34.59 20.62 -22.27
N ASP C 82 -33.67 20.29 -23.19
CA ASP C 82 -33.98 19.36 -24.30
C ASP C 82 -34.51 18.05 -23.71
N ASN C 83 -33.96 17.62 -22.56
CA ASN C 83 -34.43 16.38 -21.88
C ASN C 83 -35.59 15.77 -22.67
N SER D 4 -31.96 -43.77 8.90
CA SER D 4 -31.29 -43.04 7.79
C SER D 4 -29.78 -43.33 7.82
N MET D 5 -29.42 -44.61 7.95
CA MET D 5 -27.98 -45.00 8.01
C MET D 5 -27.29 -44.62 6.70
N GLY D 6 -27.92 -44.93 5.57
CA GLY D 6 -27.35 -44.55 4.26
C GLY D 6 -27.17 -43.04 4.15
N TYR D 7 -28.15 -42.28 4.66
CA TYR D 7 -28.07 -40.81 4.62
C TYR D 7 -26.87 -40.34 5.46
N LEU D 8 -26.72 -40.92 6.66
CA LEU D 8 -25.57 -40.56 7.53
C LEU D 8 -24.27 -40.86 6.77
N MET D 9 -24.23 -42.00 6.07
CA MET D 9 -22.99 -42.40 5.36
C MET D 9 -22.69 -41.39 4.25
N ALA D 10 -23.71 -40.98 3.51
CA ALA D 10 -23.52 -39.97 2.44
C ALA D 10 -23.00 -38.66 3.07
N LEU D 11 -23.55 -38.28 4.21
CA LEU D 11 -23.11 -37.03 4.89
C LEU D 11 -21.63 -37.16 5.24
N PHE D 12 -21.24 -38.32 5.80
CA PHE D 12 -19.81 -38.54 6.17
C PHE D 12 -18.96 -38.39 4.91
N GLU D 13 -19.38 -39.03 3.82
CA GLU D 13 -18.61 -38.94 2.54
C GLU D 13 -18.42 -37.47 2.17
N ASP D 14 -19.51 -36.70 2.15
CA ASP D 14 -19.44 -35.27 1.76
C ASP D 14 -18.46 -34.52 2.67
N ILE D 15 -18.56 -34.71 3.98
CA ILE D 15 -17.69 -33.96 4.94
C ILE D 15 -16.23 -34.32 4.64
N GLN D 16 -15.96 -35.60 4.37
CA GLN D 16 -14.56 -36.08 4.16
C GLN D 16 -14.03 -35.47 2.87
N ALA D 17 -14.88 -35.37 1.87
CA ALA D 17 -14.50 -34.71 0.60
C ALA D 17 -14.14 -33.25 0.87
N VAL D 18 -15.03 -32.51 1.55
CA VAL D 18 -14.79 -31.07 1.81
C VAL D 18 -13.44 -30.90 2.52
N ILE D 19 -13.22 -31.69 3.59
CA ILE D 19 -11.96 -31.52 4.37
C ILE D 19 -10.76 -31.77 3.46
N ALA D 20 -10.77 -32.87 2.70
CA ALA D 20 -9.60 -33.22 1.84
C ALA D 20 -9.36 -32.10 0.82
N GLU D 21 -10.43 -31.52 0.28
CA GLU D 21 -10.30 -30.42 -0.72
C GLU D 21 -9.69 -29.17 -0.07
N GLN D 22 -10.14 -28.78 1.13
CA GLN D 22 -9.64 -27.52 1.74
C GLN D 22 -8.20 -27.65 2.23
N LEU D 23 -7.78 -28.85 2.66
CA LEU D 23 -6.43 -29.03 3.24
C LEU D 23 -5.49 -29.67 2.22
N ASN D 24 -5.94 -29.81 0.97
CA ASN D 24 -5.13 -30.49 -0.08
C ASN D 24 -4.64 -31.83 0.46
N VAL D 25 -5.57 -32.69 0.88
CA VAL D 25 -5.21 -34.05 1.39
C VAL D 25 -6.11 -35.08 0.69
N ASP D 26 -5.69 -36.34 0.66
CA ASP D 26 -6.49 -37.42 0.02
C ASP D 26 -7.62 -37.82 0.98
N ALA D 27 -8.84 -38.07 0.47
CA ALA D 27 -9.89 -38.40 1.46
C ALA D 27 -9.39 -39.49 2.42
N ALA D 28 -8.56 -40.41 1.93
CA ALA D 28 -8.10 -41.53 2.77
C ALA D 28 -7.59 -41.02 4.12
N GLN D 29 -6.76 -39.97 4.10
CA GLN D 29 -6.16 -39.43 5.35
C GLN D 29 -7.26 -38.93 6.29
N VAL D 30 -8.45 -38.64 5.75
CA VAL D 30 -9.55 -38.06 6.59
C VAL D 30 -10.21 -39.20 7.38
N THR D 31 -9.51 -39.70 8.42
CA THR D 31 -10.05 -40.79 9.26
C THR D 31 -10.88 -40.17 10.39
N PRO D 32 -11.82 -40.90 11.01
CA PRO D 32 -12.58 -40.36 12.15
C PRO D 32 -11.61 -39.84 13.21
N GLU D 33 -10.55 -40.60 13.50
CA GLU D 33 -9.55 -40.20 14.51
C GLU D 33 -8.42 -39.42 13.83
N ALA D 34 -8.76 -38.32 13.14
CA ALA D 34 -7.74 -37.57 12.39
C ALA D 34 -7.63 -36.14 12.94
N GLU D 35 -6.53 -35.82 13.63
CA GLU D 35 -6.32 -34.42 14.11
C GLU D 35 -5.85 -33.57 12.94
N PHE D 36 -6.53 -32.45 12.68
CA PHE D 36 -6.20 -31.60 11.54
C PHE D 36 -4.75 -31.13 11.55
N VAL D 37 -4.23 -30.75 12.73
CA VAL D 37 -2.91 -30.14 12.76
C VAL D 37 -1.80 -31.18 12.63
N LYS D 38 -1.93 -32.30 13.35
CA LYS D 38 -0.87 -33.31 13.30
C LYS D 38 -1.02 -34.25 12.12
N ASP D 39 -2.25 -34.63 11.76
CA ASP D 39 -2.45 -35.65 10.75
C ASP D 39 -2.80 -35.10 9.38
N LEU D 40 -3.33 -33.89 9.30
CA LEU D 40 -3.76 -33.34 8.01
C LEU D 40 -2.98 -32.10 7.59
N GLY D 41 -2.08 -31.59 8.44
CA GLY D 41 -1.29 -30.43 8.05
C GLY D 41 -2.06 -29.12 8.01
N ALA D 42 -3.09 -28.99 8.83
CA ALA D 42 -3.87 -27.75 8.90
C ALA D 42 -3.34 -26.88 10.03
N ASP D 43 -3.54 -25.56 9.89
CA ASP D 43 -3.19 -24.59 10.96
C ASP D 43 -4.49 -23.88 11.39
N SER D 44 -4.39 -22.83 12.21
CA SER D 44 -5.58 -22.04 12.73
C SER D 44 -6.40 -21.37 11.72
N LEU D 45 -5.73 -20.92 10.68
CA LEU D 45 -6.40 -20.27 9.53
C LEU D 45 -7.14 -21.34 8.71
N ASP D 46 -6.46 -22.43 8.40
CA ASP D 46 -7.10 -23.53 7.62
C ASP D 46 -8.33 -24.03 8.39
N VAL D 47 -8.23 -24.10 9.72
CA VAL D 47 -9.34 -24.66 10.54
C VAL D 47 -10.59 -23.79 10.40
N VAL D 48 -10.44 -22.48 10.59
CA VAL D 48 -11.65 -21.59 10.56
C VAL D 48 -12.28 -21.64 9.16
N GLU D 49 -11.47 -21.59 8.11
CA GLU D 49 -12.04 -21.55 6.74
C GLU D 49 -12.68 -22.91 6.44
N LEU D 50 -12.08 -23.99 6.94
CA LEU D 50 -12.68 -25.33 6.75
C LEU D 50 -14.07 -25.34 7.39
N ILE D 51 -14.16 -24.92 8.66
CA ILE D 51 -15.46 -24.94 9.39
C ILE D 51 -16.48 -24.11 8.60
N MET D 52 -16.01 -23.02 7.99
CA MET D 52 -16.92 -22.12 7.23
C MET D 52 -17.42 -22.82 5.97
N ALA D 53 -16.54 -23.54 5.28
CA ALA D 53 -16.95 -24.28 4.05
C ALA D 53 -18.00 -25.32 4.44
N LEU D 54 -17.80 -26.01 5.56
CA LEU D 54 -18.81 -26.99 6.04
C LEU D 54 -20.16 -26.28 6.18
N GLU D 55 -20.18 -25.16 6.88
CA GLU D 55 -21.46 -24.44 7.12
C GLU D 55 -22.13 -24.16 5.77
N GLU D 56 -21.35 -23.72 4.78
CA GLU D 56 -21.91 -23.42 3.44
C GLU D 56 -22.29 -24.72 2.73
N LYS D 57 -21.36 -25.67 2.62
CA LYS D 57 -21.62 -26.95 1.91
C LYS D 57 -22.84 -27.64 2.50
N PHE D 58 -23.14 -27.37 3.76
CA PHE D 58 -24.23 -28.06 4.43
C PHE D 58 -25.29 -27.12 4.96
N GLY D 59 -25.26 -25.85 4.53
CA GLY D 59 -26.25 -24.87 4.94
C GLY D 59 -26.55 -24.88 6.42
N ILE D 60 -25.52 -24.97 7.24
CA ILE D 60 -25.67 -25.11 8.69
C ILE D 60 -24.91 -23.96 9.35
N GLU D 61 -24.85 -23.97 10.68
CA GLU D 61 -24.13 -22.92 11.41
C GLU D 61 -23.59 -23.54 12.69
N ILE D 62 -22.29 -23.83 12.69
CA ILE D 62 -21.62 -24.37 13.87
C ILE D 62 -21.43 -23.23 14.86
N PRO D 63 -22.04 -23.26 16.04
CA PRO D 63 -21.78 -22.23 17.04
C PRO D 63 -20.31 -22.26 17.48
N ASP D 64 -19.85 -21.11 17.94
CA ASP D 64 -18.41 -20.90 18.16
C ASP D 64 -17.85 -21.85 19.23
N GLU D 65 -18.67 -22.25 20.20
CA GLU D 65 -18.19 -23.11 21.28
C GLU D 65 -17.81 -24.49 20.76
N GLN D 66 -18.70 -25.11 19.99
CA GLN D 66 -18.42 -26.44 19.45
C GLN D 66 -17.26 -26.40 18.45
N ALA D 67 -17.23 -25.37 17.60
CA ALA D 67 -16.11 -25.18 16.69
C ALA D 67 -14.78 -25.08 17.44
N GLU D 68 -14.81 -24.53 18.66
CA GLU D 68 -13.59 -24.34 19.42
C GLU D 68 -12.99 -25.66 19.89
N LYS D 69 -13.84 -26.65 20.20
CA LYS D 69 -13.37 -27.92 20.73
C LYS D 69 -12.96 -28.91 19.64
N ILE D 70 -13.11 -28.53 18.37
CA ILE D 70 -12.84 -29.45 17.27
C ILE D 70 -11.36 -29.79 17.23
N VAL D 71 -11.03 -31.08 17.39
CA VAL D 71 -9.65 -31.53 17.36
C VAL D 71 -9.43 -32.59 16.29
N ASN D 72 -10.33 -33.56 16.15
CA ASN D 72 -10.22 -34.63 15.17
C ASN D 72 -11.37 -34.57 14.18
N VAL D 73 -11.21 -35.27 13.04
CA VAL D 73 -12.26 -35.21 11.98
C VAL D 73 -13.57 -35.70 12.60
N GLY D 74 -13.47 -36.70 13.47
CA GLY D 74 -14.68 -37.27 14.11
C GLY D 74 -15.45 -36.26 14.94
N ASP D 75 -14.80 -35.25 15.52
CA ASP D 75 -15.57 -34.22 16.25
C ASP D 75 -16.58 -33.55 15.31
N VAL D 76 -16.08 -33.00 14.20
CA VAL D 76 -16.96 -32.35 13.20
C VAL D 76 -17.98 -33.39 12.73
N VAL D 77 -17.52 -34.63 12.54
CA VAL D 77 -18.43 -35.67 11.99
C VAL D 77 -19.64 -35.80 12.93
N LYS D 78 -19.38 -36.04 14.22
CA LYS D 78 -20.48 -36.15 15.21
C LYS D 78 -21.33 -34.89 15.13
N TYR D 79 -20.71 -33.71 15.27
CA TYR D 79 -21.53 -32.48 15.29
C TYR D 79 -22.55 -32.53 14.15
N ILE D 80 -22.07 -32.85 12.94
CA ILE D 80 -22.99 -32.81 11.76
C ILE D 80 -24.01 -33.96 11.87
N GLU D 81 -23.60 -35.08 12.48
CA GLU D 81 -24.54 -36.21 12.68
C GLU D 81 -25.68 -35.73 13.59
N ASP D 82 -25.34 -35.10 14.70
CA ASP D 82 -26.38 -34.66 15.68
C ASP D 82 -27.05 -33.39 15.17
N ASN D 83 -26.63 -32.91 13.99
CA ASN D 83 -27.26 -31.69 13.39
C ASN D 83 -28.77 -31.91 13.30
#